data_6U8T
#
_entry.id   6U8T
#
_cell.length_a   46.652
_cell.length_b   62.957
_cell.length_c   164.342
_cell.angle_alpha   90.00
_cell.angle_beta   93.15
_cell.angle_gamma   90.00
#
_symmetry.space_group_name_H-M   'P 1 21 1'
#
loop_
_entity.id
_entity.type
_entity.pdbx_description
1 polymer PfhB2
2 non-polymer 'SODIUM ION'
3 non-polymer DI(HYDROXYETHYL)ETHER
4 non-polymer 'ACETATE ION'
5 water water
#
_entity_poly.entity_id   1
_entity_poly.type   'polypeptide(L)'
_entity_poly.pdbx_seq_one_letter_code
;S(MSE)ASVAEYGGEVSFKYAQSKGEVYKEIVKHVDTQHGVSESTCAHWIANKVSSQGEDFWNT(MSE)YEGGKKGHLKQ
EAIDSIKKLQTEF(MSE)QSGSATQQFKLTDNWLQEQGVVPKEKKVGDLSRRDEVAGTVSKSDISALTKAILDTGSDTAG
AKKISINLEGGSHTVSALVQGEKVVFFDPNFGE(MSE)TFPSHQKFESWLKEAFWEKSGYAGKKEGKRFFNVVNYHAE
;
_entity_poly.pdbx_strand_id   A,C,B,D
#
# COMPACT_ATOMS: atom_id res chain seq x y z
N SER A 1 -4.20 22.53 19.65
CA SER A 1 -3.08 22.87 20.60
C SER A 1 -2.91 24.38 20.69
N ALA A 3 0.21 25.55 21.99
CA ALA A 3 1.64 25.67 22.11
C ALA A 3 2.13 26.93 21.37
N SER A 4 1.52 27.30 20.23
CA SER A 4 2.07 28.22 19.21
C SER A 4 1.48 29.66 19.29
N VAL A 5 0.53 29.89 20.18
CA VAL A 5 -0.23 31.16 20.29
C VAL A 5 0.76 32.33 20.49
N ALA A 6 1.69 32.20 21.44
CA ALA A 6 2.65 33.26 21.83
C ALA A 6 3.66 33.48 20.69
N GLU A 7 4.00 32.42 19.96
CA GLU A 7 4.91 32.47 18.80
C GLU A 7 4.31 33.35 17.70
N TYR A 8 2.97 33.36 17.59
CA TYR A 8 2.24 34.11 16.54
C TYR A 8 1.75 35.46 17.09
N GLY A 9 2.30 35.89 18.24
CA GLY A 9 2.08 37.24 18.80
C GLY A 9 0.78 37.31 19.56
N GLY A 10 0.18 36.18 19.90
CA GLY A 10 -1.02 36.12 20.75
C GLY A 10 -0.69 35.85 22.21
N GLU A 11 -1.73 35.75 23.03
CA GLU A 11 -1.68 35.45 24.48
C GLU A 11 -2.76 34.43 24.81
N VAL A 12 -2.42 33.41 25.59
CA VAL A 12 -3.42 32.48 26.20
C VAL A 12 -4.03 33.17 27.43
N SER A 13 -5.35 33.38 27.46
CA SER A 13 -6.08 34.02 28.58
C SER A 13 -6.57 32.96 29.55
N PHE A 14 -6.81 31.74 29.09
CA PHE A 14 -7.38 30.64 29.88
C PHE A 14 -7.01 29.33 29.19
N LYS A 15 -6.63 28.34 29.99
CA LYS A 15 -6.28 26.99 29.48
C LYS A 15 -7.06 25.98 30.33
N TYR A 16 -7.88 25.14 29.69
CA TYR A 16 -8.63 24.09 30.46
C TYR A 16 -7.63 23.07 30.97
N ALA A 17 -7.76 22.76 32.25
CA ALA A 17 -6.90 21.80 32.97
C ALA A 17 -7.03 20.44 32.28
N GLN A 18 -8.26 20.06 31.94
CA GLN A 18 -8.51 18.80 31.18
C GLN A 18 -9.01 19.21 29.81
N SER A 19 -8.18 19.00 28.80
CA SER A 19 -8.45 19.41 27.41
C SER A 19 -9.38 18.36 26.79
N LYS A 20 -10.63 18.69 26.53
CA LYS A 20 -11.50 17.79 25.72
C LYS A 20 -10.97 17.68 24.28
N GLY A 21 -10.16 18.63 23.83
CA GLY A 21 -9.44 18.62 22.54
C GLY A 21 -8.44 17.48 22.50
N GLU A 22 -7.71 17.28 23.57
CA GLU A 22 -6.71 16.18 23.63
C GLU A 22 -7.43 14.82 23.63
N VAL A 23 -8.56 14.71 24.33
CA VAL A 23 -9.46 13.52 24.26
C VAL A 23 -9.88 13.32 22.81
N TYR A 24 -10.30 14.37 22.11
CA TYR A 24 -10.76 14.24 20.70
C TYR A 24 -9.62 13.72 19.81
N LYS A 25 -8.38 14.17 20.03
CA LYS A 25 -7.22 13.74 19.22
C LYS A 25 -6.94 12.25 19.46
N GLU A 26 -7.15 11.77 20.67
CA GLU A 26 -6.99 10.33 21.03
C GLU A 26 -8.09 9.54 20.35
N ILE A 27 -9.30 10.06 20.30
CA ILE A 27 -10.45 9.42 19.59
C ILE A 27 -10.11 9.28 18.10
N VAL A 28 -9.60 10.36 17.49
CA VAL A 28 -9.25 10.33 16.05
C VAL A 28 -8.20 9.24 15.83
N LYS A 29 -7.18 9.18 16.68
CA LYS A 29 -6.07 8.19 16.57
C LYS A 29 -6.67 6.79 16.69
N HIS A 30 -7.60 6.59 17.62
CA HIS A 30 -8.23 5.26 17.86
C HIS A 30 -8.97 4.81 16.58
N VAL A 31 -9.86 5.65 16.10
CA VAL A 31 -10.71 5.37 14.89
C VAL A 31 -9.83 5.15 13.66
N ASP A 32 -8.76 5.92 13.49
CA ASP A 32 -7.76 5.77 12.41
C ASP A 32 -7.10 4.39 12.54
N THR A 33 -6.56 4.04 13.71
CA THR A 33 -5.86 2.76 13.95
C THR A 33 -6.81 1.60 13.67
N GLN A 34 -8.07 1.73 14.11
CA GLN A 34 -9.10 0.67 14.00
C GLN A 34 -9.49 0.46 12.52
N HIS A 35 -9.39 1.50 11.70
CA HIS A 35 -9.60 1.39 10.24
C HIS A 35 -8.52 0.47 9.67
N GLY A 36 -7.25 0.67 10.08
CA GLY A 36 -6.13 -0.18 9.63
C GLY A 36 -6.39 -1.63 9.95
N VAL A 37 -6.86 -1.90 11.16
CA VAL A 37 -7.11 -3.29 11.64
C VAL A 37 -8.28 -3.87 10.86
N SER A 38 -9.33 -3.10 10.63
CA SER A 38 -10.55 -3.52 9.91
C SER A 38 -10.22 -3.87 8.45
N GLU A 39 -9.49 -2.98 7.78
CA GLU A 39 -9.07 -3.15 6.37
C GLU A 39 -8.21 -4.41 6.27
N SER A 40 -7.15 -4.50 7.09
CA SER A 40 -6.22 -5.67 7.06
C SER A 40 -7.01 -6.95 7.34
N THR A 41 -7.93 -6.94 8.31
CA THR A 41 -8.70 -8.13 8.73
C THR A 41 -9.62 -8.57 7.60
N CYS A 42 -10.36 -7.63 6.99
CA CYS A 42 -11.25 -7.90 5.83
C CYS A 42 -10.44 -8.49 4.66
N ALA A 43 -9.25 -7.95 4.38
CA ALA A 43 -8.36 -8.49 3.32
C ALA A 43 -8.06 -9.96 3.65
N HIS A 44 -7.69 -10.26 4.91
CA HIS A 44 -7.33 -11.65 5.31
C HIS A 44 -8.56 -12.56 5.18
N TRP A 45 -9.71 -12.10 5.65
CA TRP A 45 -11.01 -12.82 5.53
C TRP A 45 -11.30 -13.12 4.07
N ILE A 46 -11.12 -12.15 3.18
CA ILE A 46 -11.42 -12.35 1.73
C ILE A 46 -10.50 -13.44 1.18
N ALA A 47 -9.20 -13.33 1.41
CA ALA A 47 -8.18 -14.31 0.93
C ALA A 47 -8.51 -15.70 1.49
N ASN A 48 -8.98 -15.79 2.74
CA ASN A 48 -9.29 -17.08 3.39
C ASN A 48 -10.51 -17.71 2.69
N LYS A 49 -11.55 -16.92 2.39
CA LYS A 49 -12.81 -17.46 1.80
C LYS A 49 -12.59 -17.89 0.35
N VAL A 50 -11.72 -17.20 -0.41
CA VAL A 50 -11.44 -17.51 -1.84
C VAL A 50 -10.13 -18.30 -1.98
N SER A 51 -10.12 -19.54 -1.46
CA SER A 51 -9.04 -20.57 -1.63
C SER A 51 -9.40 -21.83 -0.84
N ASN A 59 -10.23 -24.06 6.84
CA ASN A 59 -10.73 -22.90 6.06
C ASN A 59 -11.46 -21.95 7.01
N THR A 60 -10.73 -21.44 8.01
CA THR A 60 -11.26 -20.50 9.04
C THR A 60 -10.07 -19.78 9.67
N TYR A 62 -10.44 -18.43 12.70
CA TYR A 62 -10.92 -18.32 14.08
C TYR A 62 -10.28 -19.40 14.95
N GLU A 63 -9.83 -19.02 16.16
CA GLU A 63 -9.31 -19.94 17.22
C GLU A 63 -10.51 -20.60 17.91
N LYS A 67 -12.22 -18.66 22.50
CA LYS A 67 -13.58 -18.23 22.05
C LYS A 67 -13.56 -16.73 21.74
N GLY A 68 -13.94 -16.37 20.51
CA GLY A 68 -14.13 -14.98 20.07
C GLY A 68 -12.84 -14.29 19.68
N HIS A 69 -11.82 -15.04 19.25
CA HIS A 69 -10.48 -14.53 18.85
C HIS A 69 -10.01 -15.20 17.57
N LEU A 70 -9.14 -14.51 16.83
CA LEU A 70 -8.49 -15.01 15.59
C LEU A 70 -7.29 -15.86 16.00
N LYS A 71 -6.84 -16.77 15.15
CA LYS A 71 -5.59 -17.53 15.35
C LYS A 71 -4.41 -16.57 15.42
N GLN A 72 -3.39 -16.93 16.19
CA GLN A 72 -2.20 -16.07 16.50
C GLN A 72 -1.44 -15.72 15.21
N GLU A 73 -1.30 -16.68 14.30
CA GLU A 73 -0.59 -16.48 13.01
C GLU A 73 -1.39 -15.50 12.14
N ALA A 74 -2.73 -15.53 12.20
CA ALA A 74 -3.59 -14.58 11.47
C ALA A 74 -3.39 -13.17 12.07
N ILE A 75 -3.30 -13.07 13.40
CA ILE A 75 -3.14 -11.77 14.15
C ILE A 75 -1.80 -11.15 13.74
N ASP A 76 -0.73 -11.95 13.69
CA ASP A 76 0.63 -11.48 13.33
C ASP A 76 0.62 -10.93 11.90
N SER A 77 0.01 -11.65 10.98
CA SER A 77 -0.09 -11.29 9.54
C SER A 77 -0.98 -10.07 9.36
N ILE A 78 -2.06 -9.97 10.13
CA ILE A 78 -3.00 -8.81 10.10
C ILE A 78 -2.25 -7.56 10.59
N LYS A 79 -1.46 -7.70 11.66
CA LYS A 79 -0.67 -6.59 12.25
C LYS A 79 0.35 -6.09 11.23
N LYS A 80 1.02 -7.00 10.52
CA LYS A 80 2.01 -6.65 9.47
C LYS A 80 1.36 -5.80 8.39
N LEU A 81 0.27 -6.27 7.79
CA LEU A 81 -0.47 -5.57 6.70
C LEU A 81 -0.99 -4.24 7.25
N GLN A 82 -1.53 -4.22 8.46
CA GLN A 82 -2.12 -3.02 9.08
C GLN A 82 -1.05 -1.92 9.16
N THR A 83 0.15 -2.26 9.62
CA THR A 83 1.29 -1.34 9.76
C THR A 83 1.64 -0.74 8.40
N GLU A 84 1.83 -1.58 7.39
CA GLU A 84 2.13 -1.15 6.00
C GLU A 84 1.00 -0.23 5.53
N PHE A 85 -0.26 -0.62 5.74
CA PHE A 85 -1.46 0.15 5.32
C PHE A 85 -1.41 1.54 5.92
N GLN A 87 1.21 3.19 7.06
CA GLN A 87 2.36 4.01 6.68
C GLN A 87 2.32 4.35 5.18
N SER A 88 1.35 3.82 4.42
CA SER A 88 1.04 4.29 3.04
C SER A 88 0.41 5.67 3.20
N GLY A 89 0.72 6.58 2.29
CA GLY A 89 0.22 7.97 2.38
C GLY A 89 -1.29 8.05 2.20
N SER A 90 -1.71 8.49 1.01
CA SER A 90 -3.09 8.79 0.57
C SER A 90 -3.99 7.57 0.72
N ALA A 91 -5.29 7.78 0.85
CA ALA A 91 -6.32 6.71 0.80
C ALA A 91 -6.18 5.90 -0.50
N THR A 92 -5.84 6.56 -1.61
CA THR A 92 -5.59 5.91 -2.93
C THR A 92 -4.45 4.90 -2.79
N GLN A 93 -3.32 5.28 -2.17
CA GLN A 93 -2.13 4.40 -2.02
C GLN A 93 -2.42 3.28 -1.02
N GLN A 94 -3.15 3.58 0.06
CA GLN A 94 -3.55 2.58 1.08
C GLN A 94 -4.35 1.46 0.40
N PHE A 95 -5.41 1.83 -0.32
CA PHE A 95 -6.32 0.84 -0.97
C PHE A 95 -5.55 0.11 -2.08
N LYS A 96 -4.61 0.76 -2.75
CA LYS A 96 -3.75 0.08 -3.75
C LYS A 96 -2.87 -0.98 -3.07
N LEU A 97 -2.38 -0.68 -1.86
CA LEU A 97 -1.51 -1.61 -1.10
C LEU A 97 -2.30 -2.86 -0.70
N THR A 98 -3.53 -2.71 -0.24
CA THR A 98 -4.39 -3.86 0.16
C THR A 98 -4.71 -4.70 -1.08
N ASP A 99 -4.98 -4.04 -2.22
CA ASP A 99 -5.27 -4.71 -3.51
C ASP A 99 -4.06 -5.56 -3.94
N ASN A 100 -2.84 -5.02 -3.80
CA ASN A 100 -1.59 -5.73 -4.17
C ASN A 100 -1.45 -6.97 -3.28
N TRP A 101 -1.70 -6.82 -1.97
CA TRP A 101 -1.64 -7.92 -0.98
C TRP A 101 -2.62 -9.02 -1.40
N LEU A 102 -3.86 -8.65 -1.74
CA LEU A 102 -4.92 -9.62 -2.12
C LEU A 102 -4.49 -10.40 -3.37
N GLN A 103 -3.85 -9.75 -4.35
CA GLN A 103 -3.43 -10.45 -5.60
C GLN A 103 -2.24 -11.36 -5.29
N GLU A 104 -1.30 -10.91 -4.46
CA GLU A 104 -0.19 -11.73 -3.91
C GLU A 104 -0.73 -13.01 -3.25
N GLN A 105 -1.92 -12.97 -2.63
CA GLN A 105 -2.51 -14.17 -1.95
C GLN A 105 -3.36 -14.97 -2.94
N GLY A 106 -3.41 -14.57 -4.21
CA GLY A 106 -4.13 -15.32 -5.25
C GLY A 106 -5.58 -14.91 -5.39
N VAL A 107 -6.00 -13.79 -4.80
CA VAL A 107 -7.36 -13.20 -5.01
C VAL A 107 -7.35 -12.42 -6.34
N VAL A 108 -8.35 -12.66 -7.19
CA VAL A 108 -8.45 -12.07 -8.56
C VAL A 108 -9.57 -11.03 -8.58
N PRO A 109 -9.22 -9.74 -8.74
CA PRO A 109 -10.23 -8.68 -8.82
C PRO A 109 -11.11 -8.84 -10.06
N LYS A 110 -12.42 -8.65 -9.94
CA LYS A 110 -13.36 -8.69 -11.10
C LYS A 110 -13.12 -7.47 -12.00
N GLU A 111 -13.32 -7.67 -13.31
CA GLU A 111 -13.34 -6.62 -14.36
C GLU A 111 -14.76 -6.53 -14.95
N LYS A 112 -15.15 -5.40 -15.49
CA LYS A 112 -16.39 -5.23 -16.29
C LYS A 112 -16.02 -4.52 -17.58
N LYS A 113 -16.83 -4.70 -18.62
CA LYS A 113 -16.77 -3.91 -19.88
C LYS A 113 -17.41 -2.54 -19.66
N VAL A 114 -16.73 -1.46 -20.02
CA VAL A 114 -17.34 -0.11 -20.29
C VAL A 114 -16.97 0.27 -21.72
N GLY A 115 -17.98 0.30 -22.59
CA GLY A 115 -17.81 0.06 -24.04
C GLY A 115 -16.93 -1.15 -24.31
N ASP A 116 -15.84 -0.98 -25.06
CA ASP A 116 -14.92 -2.08 -25.47
C ASP A 116 -13.87 -2.39 -24.39
N LEU A 117 -13.80 -1.64 -23.28
CA LEU A 117 -12.59 -1.62 -22.42
C LEU A 117 -12.85 -2.38 -21.11
N SER A 118 -11.89 -3.18 -20.66
CA SER A 118 -11.90 -3.82 -19.31
C SER A 118 -11.46 -2.82 -18.24
N ARG A 119 -12.31 -2.64 -17.22
CA ARG A 119 -12.06 -1.75 -16.07
C ARG A 119 -12.42 -2.52 -14.80
N ARG A 120 -11.91 -2.09 -13.65
CA ARG A 120 -12.16 -2.77 -12.36
C ARG A 120 -13.67 -2.73 -12.07
N ASP A 121 -14.22 -3.86 -11.62
CA ASP A 121 -15.63 -3.95 -11.16
C ASP A 121 -15.64 -3.42 -9.72
N GLU A 122 -15.59 -2.10 -9.58
CA GLU A 122 -15.83 -1.33 -8.35
C GLU A 122 -17.14 -0.56 -8.53
N VAL A 123 -17.93 -0.46 -7.48
CA VAL A 123 -19.15 0.37 -7.46
C VAL A 123 -18.95 1.41 -6.36
N ALA A 124 -18.87 2.68 -6.75
CA ALA A 124 -18.79 3.84 -5.83
C ALA A 124 -20.20 4.39 -5.68
N GLY A 125 -20.46 5.00 -4.54
CA GLY A 125 -21.82 5.48 -4.22
C GLY A 125 -21.82 6.28 -2.93
N THR A 126 -23.01 6.53 -2.43
CA THR A 126 -23.30 7.38 -1.27
C THR A 126 -24.18 6.56 -0.30
N VAL A 127 -24.00 6.72 1.02
CA VAL A 127 -24.98 6.24 2.04
C VAL A 127 -25.48 7.44 2.84
N SER A 128 -26.56 7.28 3.59
CA SER A 128 -27.04 8.29 4.56
C SER A 128 -27.72 7.57 5.72
N LYS A 129 -28.04 8.30 6.78
CA LYS A 129 -28.85 7.85 7.93
C LYS A 129 -30.03 7.02 7.45
N SER A 130 -30.69 7.40 6.35
CA SER A 130 -32.02 6.86 5.96
C SER A 130 -31.97 6.06 4.64
N ASP A 131 -30.87 6.07 3.89
CA ASP A 131 -30.78 5.30 2.60
C ASP A 131 -29.43 4.57 2.48
N ILE A 132 -29.46 3.24 2.31
CA ILE A 132 -28.28 2.40 1.94
C ILE A 132 -28.63 1.48 0.77
N SER A 133 -29.62 1.85 -0.04
CA SER A 133 -30.13 1.02 -1.16
C SER A 133 -29.03 0.76 -2.18
N ALA A 134 -28.26 1.78 -2.58
CA ALA A 134 -27.20 1.61 -3.59
C ALA A 134 -26.08 0.72 -3.02
N LEU A 135 -25.73 0.88 -1.74
CA LEU A 135 -24.68 0.07 -1.06
C LEU A 135 -25.12 -1.40 -1.06
N THR A 136 -26.37 -1.65 -0.64
CA THR A 136 -26.99 -3.00 -0.53
C THR A 136 -26.97 -3.71 -1.89
N LYS A 137 -27.33 -3.01 -2.96
CA LYS A 137 -27.34 -3.57 -4.35
C LYS A 137 -25.90 -3.91 -4.77
N ALA A 138 -24.92 -3.05 -4.46
CA ALA A 138 -23.50 -3.27 -4.81
C ALA A 138 -23.00 -4.54 -4.11
N ILE A 139 -23.40 -4.75 -2.84
CA ILE A 139 -22.99 -5.95 -2.05
C ILE A 139 -23.60 -7.20 -2.70
N LEU A 140 -24.90 -7.17 -3.01
CA LEU A 140 -25.66 -8.36 -3.49
C LEU A 140 -25.36 -8.68 -4.96
N ASP A 141 -25.04 -7.69 -5.80
CA ASP A 141 -24.78 -7.91 -7.25
C ASP A 141 -23.60 -8.87 -7.43
N THR A 142 -23.74 -9.90 -8.25
CA THR A 142 -22.62 -10.79 -8.66
C THR A 142 -22.34 -10.63 -10.16
N GLY A 143 -23.01 -9.68 -10.82
CA GLY A 143 -22.82 -9.36 -12.26
C GLY A 143 -23.15 -10.57 -13.14
N SER A 144 -22.19 -11.00 -13.98
CA SER A 144 -22.38 -12.15 -14.91
C SER A 144 -22.51 -13.43 -14.07
N ASP A 145 -21.79 -13.53 -12.94
CA ASP A 145 -21.58 -14.80 -12.18
C ASP A 145 -22.68 -14.98 -11.13
N THR A 146 -22.61 -16.10 -10.42
CA THR A 146 -23.53 -16.53 -9.33
C THR A 146 -22.92 -16.17 -7.96
N ALA A 147 -21.60 -15.93 -7.91
CA ALA A 147 -20.81 -15.77 -6.68
C ALA A 147 -19.90 -14.54 -6.78
N GLY A 148 -19.59 -13.92 -5.63
CA GLY A 148 -18.62 -12.82 -5.52
C GLY A 148 -18.21 -12.53 -4.08
N ALA A 149 -16.94 -12.18 -3.89
CA ALA A 149 -16.41 -11.58 -2.64
C ALA A 149 -16.36 -10.05 -2.80
N LYS A 150 -16.62 -9.30 -1.73
CA LYS A 150 -16.63 -7.82 -1.72
C LYS A 150 -15.83 -7.31 -0.53
N LYS A 151 -14.97 -6.33 -0.79
CA LYS A 151 -14.37 -5.46 0.24
C LYS A 151 -15.09 -4.11 0.19
N ILE A 152 -15.74 -3.75 1.29
CA ILE A 152 -16.69 -2.60 1.34
C ILE A 152 -16.09 -1.51 2.24
N SER A 153 -15.67 -0.39 1.64
CA SER A 153 -15.24 0.85 2.35
C SER A 153 -16.44 1.75 2.60
N ILE A 154 -16.66 2.17 3.82
CA ILE A 154 -17.82 3.00 4.26
C ILE A 154 -17.24 4.18 5.04
N ASN A 155 -17.77 5.37 4.80
CA ASN A 155 -17.36 6.60 5.52
C ASN A 155 -18.35 6.77 6.69
N LEU A 156 -17.84 7.13 7.85
CA LEU A 156 -18.66 7.33 9.07
C LEU A 156 -18.90 8.84 9.27
N GLU A 157 -19.98 9.18 9.95
CA GLU A 157 -20.38 10.55 10.29
C GLU A 157 -19.35 11.13 11.26
N GLY A 158 -18.78 12.27 10.92
CA GLY A 158 -17.95 13.05 11.82
C GLY A 158 -18.85 13.79 12.80
N GLY A 159 -18.28 14.17 13.92
CA GLY A 159 -19.04 14.94 14.93
C GLY A 159 -19.18 16.42 14.55
N SER A 160 -19.80 17.16 15.45
CA SER A 160 -19.94 18.63 15.38
C SER A 160 -19.22 19.29 16.55
N HIS A 161 -18.62 20.45 16.28
CA HIS A 161 -17.90 21.23 17.30
C HIS A 161 -18.31 22.69 17.15
N THR A 162 -18.29 23.43 18.24
CA THR A 162 -18.63 24.86 18.31
C THR A 162 -17.44 25.54 18.98
N VAL A 163 -16.98 26.61 18.35
CA VAL A 163 -16.01 27.57 18.91
C VAL A 163 -16.69 28.94 18.85
N SER A 164 -16.07 29.96 19.44
CA SER A 164 -16.64 31.33 19.42
C SER A 164 -15.50 32.35 19.32
N ALA A 165 -15.85 33.57 18.97
CA ALA A 165 -14.89 34.67 18.76
C ALA A 165 -15.56 35.97 19.15
N LEU A 166 -14.77 36.90 19.67
CA LEU A 166 -15.15 38.33 19.77
C LEU A 166 -14.11 39.13 18.99
N VAL A 167 -14.54 39.88 17.99
CA VAL A 167 -13.63 40.80 17.29
C VAL A 167 -14.03 42.23 17.67
N GLN A 168 -13.08 43.02 18.16
CA GLN A 168 -13.21 44.46 18.53
C GLN A 168 -12.08 45.22 17.83
N GLY A 169 -12.37 45.87 16.72
CA GLY A 169 -11.34 46.47 15.87
C GLY A 169 -10.39 45.39 15.42
N GLU A 170 -9.09 45.57 15.68
CA GLU A 170 -8.01 44.63 15.27
C GLU A 170 -7.89 43.51 16.34
N LYS A 171 -8.52 43.66 17.51
CA LYS A 171 -8.41 42.64 18.59
C LYS A 171 -9.32 41.45 18.27
N VAL A 172 -8.76 40.24 18.24
CA VAL A 172 -9.52 38.96 18.09
C VAL A 172 -9.38 38.15 19.36
N VAL A 173 -10.49 37.84 20.02
CA VAL A 173 -10.51 36.82 21.11
C VAL A 173 -11.14 35.55 20.51
N PHE A 174 -10.41 34.43 20.57
CA PHE A 174 -10.89 33.13 20.04
C PHE A 174 -11.06 32.17 21.23
N PHE A 175 -12.22 31.50 21.31
CA PHE A 175 -12.51 30.58 22.42
C PHE A 175 -12.89 29.21 21.87
N ASP A 176 -12.15 28.20 22.30
CA ASP A 176 -12.45 26.79 21.95
C ASP A 176 -12.63 26.02 23.26
N PRO A 177 -13.86 25.62 23.62
CA PRO A 177 -14.12 24.92 24.88
C PRO A 177 -13.31 23.64 25.05
N ASN A 178 -12.65 23.20 23.98
CA ASN A 178 -11.76 22.01 23.96
C ASN A 178 -10.34 22.38 24.39
N PHE A 179 -9.99 23.67 24.41
CA PHE A 179 -8.61 24.15 24.72
C PHE A 179 -8.63 25.34 25.69
N GLY A 180 -9.34 26.40 25.35
CA GLY A 180 -9.47 27.59 26.20
C GLY A 180 -9.62 28.88 25.39
N GLU A 181 -9.11 29.99 25.93
CA GLU A 181 -9.28 31.34 25.38
C GLU A 181 -7.93 31.93 25.01
N THR A 183 -6.11 35.51 22.85
CA THR A 183 -6.30 36.85 22.33
C THR A 183 -5.16 37.18 21.36
N PHE A 184 -5.48 37.78 20.22
CA PHE A 184 -4.50 38.26 19.21
C PHE A 184 -4.74 39.75 18.99
N PRO A 185 -3.68 40.59 18.95
CA PRO A 185 -3.86 42.03 18.84
C PRO A 185 -4.10 42.54 17.40
N SER A 186 -4.06 41.66 16.40
CA SER A 186 -4.34 41.99 14.96
C SER A 186 -5.06 40.83 14.26
N HIS A 187 -5.83 41.13 13.22
CA HIS A 187 -6.49 40.13 12.34
C HIS A 187 -5.43 39.21 11.73
N GLN A 188 -4.36 39.80 11.19
CA GLN A 188 -3.29 39.04 10.51
C GLN A 188 -2.71 37.97 11.46
N LYS A 189 -2.42 38.34 12.70
CA LYS A 189 -1.78 37.41 13.67
C LYS A 189 -2.72 36.24 13.97
N PHE A 190 -4.01 36.51 14.13
CA PHE A 190 -5.05 35.47 14.29
C PHE A 190 -5.13 34.58 13.03
N GLU A 191 -5.18 35.17 11.84
CA GLU A 191 -5.37 34.45 10.57
C GLU A 191 -4.20 33.48 10.35
N SER A 192 -2.96 33.96 10.50
CA SER A 192 -1.74 33.15 10.30
C SER A 192 -1.73 31.98 11.31
N TRP A 193 -1.97 32.26 12.58
CA TRP A 193 -1.99 31.26 13.67
C TRP A 193 -3.05 30.19 13.39
N LEU A 194 -4.26 30.59 13.03
CA LEU A 194 -5.38 29.67 12.76
C LEU A 194 -5.02 28.76 11.58
N LYS A 195 -4.49 29.33 10.49
CA LYS A 195 -4.21 28.57 9.23
C LYS A 195 -2.94 27.74 9.39
N GLU A 196 -1.89 28.27 10.03
CA GLU A 196 -0.53 27.67 9.96
C GLU A 196 -0.24 26.80 11.19
N ALA A 197 -0.96 26.98 12.30
CA ALA A 197 -0.69 26.27 13.57
C ALA A 197 -1.95 25.50 14.02
N PHE A 198 -3.03 26.21 14.32
CA PHE A 198 -4.21 25.62 14.99
C PHE A 198 -4.88 24.54 14.13
N TRP A 199 -5.15 24.83 12.85
CA TRP A 199 -6.05 24.03 12.01
C TRP A 199 -5.60 22.58 11.99
N GLU A 200 -4.32 22.31 11.71
CA GLU A 200 -3.75 20.94 11.68
C GLU A 200 -3.65 20.38 13.12
N LYS A 201 -3.00 21.10 14.02
CA LYS A 201 -2.65 20.63 15.39
C LYS A 201 -3.91 20.32 16.21
N SER A 202 -5.07 20.91 15.87
CA SER A 202 -6.33 20.82 16.64
C SER A 202 -7.01 19.48 16.41
N GLY A 203 -6.78 18.87 15.24
CA GLY A 203 -7.49 17.67 14.74
C GLY A 203 -8.72 18.01 13.92
N TYR A 204 -9.07 19.30 13.74
CA TYR A 204 -10.29 19.72 12.99
C TYR A 204 -10.04 19.62 11.47
N ALA A 205 -8.78 19.62 11.02
CA ALA A 205 -8.42 19.69 9.59
C ALA A 205 -8.84 18.38 8.87
N GLY A 206 -8.58 17.23 9.49
CA GLY A 206 -8.84 15.88 8.93
C GLY A 206 -7.62 15.37 8.20
N LYS A 207 -7.65 14.15 7.66
CA LYS A 207 -6.53 13.53 6.90
C LYS A 207 -6.80 13.66 5.40
N LYS A 208 -8.07 13.58 5.00
CA LYS A 208 -8.49 13.50 3.59
C LYS A 208 -8.79 14.92 3.11
N GLU A 209 -8.84 15.09 1.79
CA GLU A 209 -9.38 16.28 1.12
C GLU A 209 -10.89 16.12 1.09
N GLY A 210 -11.66 17.20 0.90
CA GLY A 210 -13.12 17.16 1.02
C GLY A 210 -13.67 18.32 1.83
N LYS A 211 -14.75 18.88 1.34
CA LYS A 211 -15.45 20.04 1.92
C LYS A 211 -16.35 19.57 3.07
N ARG A 212 -16.30 20.27 4.19
CA ARG A 212 -17.23 20.10 5.35
C ARG A 212 -17.86 21.47 5.60
N PHE A 213 -19.13 21.52 6.00
CA PHE A 213 -19.88 22.78 6.22
C PHE A 213 -19.38 23.46 7.52
N PHE A 214 -19.44 24.77 7.51
CA PHE A 214 -19.34 25.60 8.73
C PHE A 214 -20.50 26.59 8.71
N ASN A 215 -20.87 27.10 9.88
CA ASN A 215 -21.86 28.20 9.97
C ASN A 215 -21.39 29.17 11.06
N VAL A 216 -21.36 30.44 10.72
CA VAL A 216 -20.99 31.52 11.67
C VAL A 216 -22.27 32.30 11.95
N VAL A 217 -22.66 32.38 13.23
CA VAL A 217 -23.80 33.25 13.63
C VAL A 217 -23.19 34.52 14.27
N ASN A 218 -23.60 35.68 13.79
CA ASN A 218 -23.03 36.99 14.20
C ASN A 218 -23.93 37.64 15.26
N TYR A 219 -23.36 38.09 16.35
CA TYR A 219 -24.08 38.84 17.42
C TYR A 219 -23.42 40.21 17.60
N HIS A 220 -24.22 41.19 18.00
CA HIS A 220 -23.71 42.54 18.41
C HIS A 220 -22.80 42.35 19.61
N ALA A 221 -21.68 43.06 19.66
CA ALA A 221 -20.75 43.04 20.81
C ALA A 221 -21.32 43.89 21.95
N SER B 1 25.35 10.31 -13.50
CA SER B 1 25.27 10.07 -14.94
C SER B 1 23.84 9.67 -15.29
N ALA B 3 20.32 11.58 -17.83
CA ALA B 3 19.77 12.73 -18.52
C ALA B 3 19.32 13.80 -17.50
N SER B 4 18.81 13.38 -16.35
CA SER B 4 17.91 14.15 -15.45
C SER B 4 18.62 14.72 -14.22
N VAL B 5 19.92 14.45 -14.01
CA VAL B 5 20.65 14.88 -12.78
C VAL B 5 20.58 16.41 -12.64
N ALA B 6 20.91 17.14 -13.71
CA ALA B 6 20.97 18.62 -13.72
C ALA B 6 19.55 19.20 -13.64
N GLU B 7 18.57 18.48 -14.19
CA GLU B 7 17.13 18.85 -14.15
C GLU B 7 16.65 18.87 -12.69
N TYR B 8 17.22 18.00 -11.83
CA TYR B 8 16.83 17.86 -10.41
C TYR B 8 17.80 18.64 -9.52
N GLY B 9 18.59 19.55 -10.11
CA GLY B 9 19.45 20.49 -9.37
C GLY B 9 20.76 19.86 -8.94
N GLY B 10 21.11 18.70 -9.49
CA GLY B 10 22.40 18.04 -9.24
C GLY B 10 23.44 18.36 -10.30
N GLU B 11 24.65 17.82 -10.13
CA GLU B 11 25.77 17.88 -11.10
C GLU B 11 26.38 16.47 -11.27
N VAL B 12 26.68 16.08 -12.51
CA VAL B 12 27.51 14.88 -12.82
C VAL B 12 28.98 15.28 -12.62
N SER B 13 29.68 14.61 -11.71
CA SER B 13 31.11 14.86 -11.39
C SER B 13 32.00 13.97 -12.26
N PHE B 14 31.50 12.80 -12.67
CA PHE B 14 32.26 11.77 -13.39
C PHE B 14 31.28 10.91 -14.18
N LYS B 15 31.62 10.57 -15.41
CA LYS B 15 30.75 9.72 -16.26
C LYS B 15 31.61 8.64 -16.90
N TYR B 16 31.28 7.36 -16.68
CA TYR B 16 32.02 6.24 -17.30
C TYR B 16 31.76 6.25 -18.81
N ALA B 17 32.84 6.19 -19.58
CA ALA B 17 32.83 6.22 -21.06
C ALA B 17 31.95 5.06 -21.55
N GLN B 18 32.15 3.87 -20.96
CA GLN B 18 31.37 2.65 -21.27
C GLN B 18 30.47 2.36 -20.06
N SER B 19 29.17 2.60 -20.23
CA SER B 19 28.16 2.44 -19.17
C SER B 19 27.82 0.96 -19.07
N LYS B 20 28.26 0.29 -18.01
CA LYS B 20 27.82 -1.10 -17.72
C LYS B 20 26.32 -1.08 -17.36
N GLY B 21 25.78 0.08 -16.94
CA GLY B 21 24.34 0.30 -16.72
C GLY B 21 23.53 0.15 -18.00
N GLU B 22 24.03 0.71 -19.12
CA GLU B 22 23.34 0.60 -20.44
C GLU B 22 23.34 -0.86 -20.90
N VAL B 23 24.47 -1.56 -20.73
CA VAL B 23 24.58 -3.02 -20.97
C VAL B 23 23.51 -3.74 -20.13
N TYR B 24 23.38 -3.39 -18.84
CA TYR B 24 22.46 -4.11 -17.94
C TYR B 24 21.02 -3.89 -18.40
N LYS B 25 20.68 -2.68 -18.87
CA LYS B 25 19.30 -2.37 -19.36
C LYS B 25 18.96 -3.24 -20.58
N GLU B 26 19.94 -3.48 -21.45
CA GLU B 26 19.73 -4.33 -22.66
C GLU B 26 19.53 -5.79 -22.20
N ILE B 27 20.28 -6.22 -21.20
CA ILE B 27 20.14 -7.59 -20.61
C ILE B 27 18.73 -7.73 -20.00
N VAL B 28 18.25 -6.75 -19.25
CA VAL B 28 16.88 -6.78 -18.66
C VAL B 28 15.85 -6.94 -19.78
N LYS B 29 16.00 -6.16 -20.85
CA LYS B 29 15.06 -6.20 -22.00
C LYS B 29 15.10 -7.61 -22.59
N HIS B 30 16.31 -8.16 -22.74
CA HIS B 30 16.52 -9.50 -23.35
C HIS B 30 15.81 -10.56 -22.50
N VAL B 31 16.11 -10.62 -21.21
CA VAL B 31 15.54 -11.62 -20.25
C VAL B 31 14.02 -11.51 -20.21
N ASP B 32 13.48 -10.29 -20.20
CA ASP B 32 12.03 -10.07 -20.26
C ASP B 32 11.44 -10.62 -21.57
N THR B 33 12.01 -10.22 -22.70
CA THR B 33 11.54 -10.60 -24.05
C THR B 33 11.60 -12.13 -24.20
N GLN B 34 12.69 -12.71 -23.70
CA GLN B 34 13.02 -14.15 -23.87
C GLN B 34 12.06 -14.99 -23.01
N HIS B 35 11.52 -14.42 -21.93
CA HIS B 35 10.44 -15.08 -21.18
C HIS B 35 9.22 -15.24 -22.12
N GLY B 36 8.85 -14.15 -22.80
CA GLY B 36 7.76 -14.16 -23.78
C GLY B 36 7.95 -15.24 -24.84
N VAL B 37 9.17 -15.35 -25.37
CA VAL B 37 9.49 -16.30 -26.49
C VAL B 37 9.39 -17.72 -25.94
N SER B 38 9.90 -17.95 -24.73
CA SER B 38 9.94 -19.29 -24.11
C SER B 38 8.52 -19.78 -23.83
N GLU B 39 7.72 -18.89 -23.22
CA GLU B 39 6.30 -19.14 -22.91
C GLU B 39 5.54 -19.47 -24.20
N SER B 40 5.60 -18.57 -25.18
CA SER B 40 4.87 -18.72 -26.46
C SER B 40 5.31 -20.02 -27.16
N THR B 41 6.63 -20.32 -27.16
CA THR B 41 7.18 -21.51 -27.84
C THR B 41 6.68 -22.78 -27.17
N CYS B 42 6.75 -22.84 -25.83
CA CYS B 42 6.27 -24.00 -25.04
C CYS B 42 4.78 -24.21 -25.29
N ALA B 43 3.98 -23.13 -25.32
CA ALA B 43 2.53 -23.22 -25.64
C ALA B 43 2.37 -23.91 -27.00
N HIS B 44 3.11 -23.46 -28.02
CA HIS B 44 2.99 -24.00 -29.39
C HIS B 44 3.41 -25.48 -29.42
N TRP B 45 4.54 -25.80 -28.77
CA TRP B 45 5.05 -27.19 -28.61
C TRP B 45 3.97 -28.06 -27.96
N ILE B 46 3.31 -27.56 -26.90
CA ILE B 46 2.29 -28.37 -26.18
C ILE B 46 1.13 -28.65 -27.14
N ALA B 47 0.61 -27.62 -27.82
CA ALA B 47 -0.52 -27.74 -28.78
C ALA B 47 -0.13 -28.73 -29.89
N ASN B 48 1.13 -28.71 -30.34
CA ASN B 48 1.61 -29.60 -31.42
C ASN B 48 1.59 -31.05 -30.93
N LYS B 49 2.06 -31.34 -29.72
CA LYS B 49 2.16 -32.72 -29.17
C LYS B 49 0.78 -33.30 -28.86
N VAL B 50 -0.17 -32.48 -28.43
CA VAL B 50 -1.53 -32.90 -28.01
C VAL B 50 -2.39 -33.13 -29.25
N SER B 51 -2.24 -32.28 -30.28
CA SER B 51 -2.86 -32.46 -31.63
C SER B 51 -2.29 -33.71 -32.31
N SER B 52 -1.26 -33.55 -33.16
CA SER B 52 -0.76 -34.56 -34.13
C SER B 52 0.08 -35.64 -33.42
N GLN B 53 -0.16 -36.91 -33.76
CA GLN B 53 0.41 -38.12 -33.07
C GLN B 53 1.91 -37.95 -32.87
N ASP B 56 0.59 -37.31 -38.26
CA ASP B 56 1.28 -37.67 -36.99
C ASP B 56 2.69 -37.03 -36.96
N PHE B 57 3.72 -37.75 -36.50
CA PHE B 57 5.05 -37.26 -36.03
C PHE B 57 5.70 -36.30 -37.03
N TRP B 58 5.62 -36.60 -38.32
CA TRP B 58 6.38 -35.95 -39.43
C TRP B 58 6.02 -34.46 -39.56
N ASN B 59 4.93 -34.00 -38.92
CA ASN B 59 4.37 -32.63 -39.05
C ASN B 59 4.77 -31.82 -37.81
N THR B 60 6.07 -31.68 -37.60
CA THR B 60 6.69 -31.06 -36.41
C THR B 60 6.69 -29.54 -36.58
N TYR B 62 9.70 -28.11 -36.41
CA TYR B 62 11.07 -27.89 -36.92
C TYR B 62 11.16 -27.91 -38.45
N GLU B 63 12.20 -27.25 -38.94
CA GLU B 63 12.48 -27.21 -40.39
C GLU B 63 13.20 -28.50 -40.73
N GLY B 64 12.78 -29.17 -41.81
CA GLY B 64 13.40 -30.44 -42.24
C GLY B 64 14.68 -30.20 -43.01
N GLY B 65 14.71 -29.13 -43.79
CA GLY B 65 15.86 -28.76 -44.64
C GLY B 65 16.59 -27.52 -44.14
N LYS B 66 16.74 -27.41 -42.82
CA LYS B 66 17.43 -26.31 -42.12
C LYS B 66 17.62 -26.78 -40.67
N LYS B 67 18.63 -27.62 -40.47
CA LYS B 67 18.96 -28.23 -39.17
C LYS B 67 19.22 -27.16 -38.09
N GLY B 68 18.39 -27.19 -37.03
CA GLY B 68 18.50 -26.31 -35.87
C GLY B 68 17.62 -25.07 -35.91
N HIS B 69 16.50 -25.09 -36.64
CA HIS B 69 15.63 -23.90 -36.74
C HIS B 69 14.16 -24.33 -36.76
N LEU B 70 13.24 -23.40 -36.55
CA LEU B 70 11.79 -23.69 -36.56
C LEU B 70 11.18 -23.30 -37.90
N LYS B 71 10.07 -23.93 -38.28
CA LYS B 71 9.39 -23.49 -39.52
C LYS B 71 8.96 -22.04 -39.35
N GLN B 72 8.94 -21.32 -40.47
CA GLN B 72 8.61 -19.88 -40.59
C GLN B 72 7.20 -19.60 -40.06
N GLU B 73 6.23 -20.47 -40.38
CA GLU B 73 4.82 -20.32 -39.93
C GLU B 73 4.73 -20.46 -38.41
N ALA B 74 5.54 -21.35 -37.82
CA ALA B 74 5.59 -21.54 -36.35
C ALA B 74 6.17 -20.27 -35.70
N ILE B 75 7.22 -19.71 -36.33
CA ILE B 75 7.94 -18.50 -35.82
C ILE B 75 6.96 -17.32 -35.81
N ASP B 76 6.20 -17.15 -36.89
CA ASP B 76 5.24 -16.04 -37.04
C ASP B 76 4.17 -16.14 -35.96
N SER B 77 3.63 -17.34 -35.75
CA SER B 77 2.56 -17.62 -34.75
C SER B 77 3.11 -17.43 -33.33
N ILE B 78 4.35 -17.87 -33.09
CA ILE B 78 5.03 -17.72 -31.78
C ILE B 78 5.24 -16.21 -31.48
N LYS B 79 5.66 -15.44 -32.50
CA LYS B 79 5.91 -13.97 -32.38
C LYS B 79 4.59 -13.26 -32.03
N LYS B 80 3.49 -13.65 -32.66
CA LYS B 80 2.15 -13.07 -32.40
C LYS B 80 1.78 -13.25 -30.93
N LEU B 81 1.80 -14.49 -30.44
CA LEU B 81 1.43 -14.85 -29.05
C LEU B 81 2.39 -14.14 -28.08
N GLN B 82 3.67 -14.13 -28.39
CA GLN B 82 4.72 -13.54 -27.54
C GLN B 82 4.41 -12.06 -27.30
N THR B 83 4.08 -11.34 -28.38
CA THR B 83 3.77 -9.90 -28.35
C THR B 83 2.56 -9.65 -27.44
N GLU B 84 1.47 -10.40 -27.65
CA GLU B 84 0.26 -10.31 -26.81
C GLU B 84 0.63 -10.60 -25.35
N PHE B 85 1.42 -11.64 -25.10
CA PHE B 85 1.89 -12.04 -23.76
C PHE B 85 2.60 -10.87 -23.08
N GLN B 87 2.33 -7.65 -23.78
CA GLN B 87 1.47 -6.48 -23.63
C GLN B 87 0.37 -6.72 -22.58
N SER B 88 0.23 -7.95 -22.09
CA SER B 88 -0.63 -8.28 -20.92
C SER B 88 0.04 -7.66 -19.70
N GLY B 89 -0.74 -7.15 -18.75
CA GLY B 89 -0.17 -6.54 -17.53
C GLY B 89 0.56 -7.56 -16.67
N SER B 90 -0.07 -7.91 -15.55
CA SER B 90 0.48 -8.76 -14.44
C SER B 90 0.82 -10.16 -14.94
N ALA B 91 1.73 -10.85 -14.25
CA ALA B 91 2.07 -12.28 -14.47
C ALA B 91 0.79 -13.13 -14.46
N THR B 92 -0.20 -12.80 -13.62
CA THR B 92 -1.50 -13.52 -13.56
C THR B 92 -2.23 -13.39 -14.90
N GLN B 93 -2.29 -12.19 -15.48
CA GLN B 93 -2.99 -11.94 -16.76
C GLN B 93 -2.20 -12.55 -17.92
N GLN B 94 -0.87 -12.50 -17.89
CA GLN B 94 0.01 -13.12 -18.91
C GLN B 94 -0.30 -14.61 -18.99
N PHE B 95 -0.23 -15.31 -17.86
CA PHE B 95 -0.45 -16.79 -17.79
C PHE B 95 -1.91 -17.09 -18.17
N LYS B 96 -2.86 -16.22 -17.83
CA LYS B 96 -4.28 -16.40 -18.25
C LYS B 96 -4.39 -16.31 -19.78
N LEU B 97 -3.62 -15.43 -20.40
CA LEU B 97 -3.65 -15.23 -21.87
C LEU B 97 -3.13 -16.48 -22.57
N THR B 98 -2.02 -17.04 -22.09
CA THR B 98 -1.40 -18.28 -22.65
C THR B 98 -2.40 -19.43 -22.52
N ASP B 99 -3.06 -19.53 -21.36
CA ASP B 99 -4.05 -20.59 -21.07
C ASP B 99 -5.22 -20.48 -22.05
N ASN B 100 -5.70 -19.26 -22.32
CA ASN B 100 -6.80 -19.02 -23.29
C ASN B 100 -6.39 -19.49 -24.68
N TRP B 101 -5.16 -19.16 -25.09
CA TRP B 101 -4.60 -19.57 -26.42
C TRP B 101 -4.59 -21.09 -26.50
N LEU B 102 -4.10 -21.76 -25.45
CA LEU B 102 -4.00 -23.25 -25.42
C LEU B 102 -5.39 -23.87 -25.56
N GLN B 103 -6.41 -23.31 -24.92
CA GLN B 103 -7.79 -23.88 -24.99
C GLN B 103 -8.38 -23.60 -26.37
N GLU B 104 -8.15 -22.41 -26.93
CA GLU B 104 -8.47 -22.05 -28.34
C GLU B 104 -7.88 -23.09 -29.32
N GLN B 105 -6.72 -23.68 -29.03
CA GLN B 105 -6.07 -24.69 -29.92
C GLN B 105 -6.59 -26.10 -29.57
N GLY B 106 -7.49 -26.23 -28.60
CA GLY B 106 -8.09 -27.53 -28.23
C GLY B 106 -7.30 -28.26 -27.17
N VAL B 107 -6.35 -27.61 -26.50
CA VAL B 107 -5.58 -28.19 -25.37
C VAL B 107 -6.43 -28.08 -24.10
N VAL B 108 -6.54 -29.18 -23.35
CA VAL B 108 -7.50 -29.31 -22.21
C VAL B 108 -6.73 -29.33 -20.90
N PRO B 109 -6.87 -28.28 -20.07
CA PRO B 109 -6.22 -28.28 -18.76
C PRO B 109 -6.78 -29.39 -17.86
N LYS B 110 -5.91 -30.10 -17.13
CA LYS B 110 -6.32 -31.13 -16.15
C LYS B 110 -6.97 -30.45 -14.94
N GLU B 111 -7.82 -31.21 -14.24
CA GLU B 111 -8.46 -30.78 -12.98
C GLU B 111 -7.99 -31.74 -11.88
N LYS B 112 -7.95 -31.30 -10.63
CA LYS B 112 -7.53 -32.19 -9.51
C LYS B 112 -8.67 -32.23 -8.49
N LYS B 113 -8.98 -33.41 -7.95
CA LYS B 113 -10.08 -33.50 -6.94
C LYS B 113 -9.53 -33.99 -5.61
N VAL B 114 -9.87 -33.28 -4.52
CA VAL B 114 -9.48 -33.67 -3.14
C VAL B 114 -10.71 -33.60 -2.23
N GLY B 115 -11.83 -34.22 -2.62
CA GLY B 115 -13.02 -34.26 -1.75
C GLY B 115 -14.21 -33.48 -2.30
N ASP B 116 -14.54 -33.70 -3.58
CA ASP B 116 -15.69 -33.06 -4.31
C ASP B 116 -15.44 -31.59 -4.59
N LEU B 117 -14.17 -31.17 -4.54
CA LEU B 117 -13.72 -29.79 -4.85
C LEU B 117 -12.68 -29.95 -5.94
N SER B 118 -13.03 -29.57 -7.16
CA SER B 118 -12.10 -29.69 -8.31
C SER B 118 -11.35 -28.39 -8.50
N ARG B 119 -10.06 -28.49 -8.82
CA ARG B 119 -9.22 -27.30 -9.03
C ARG B 119 -8.32 -27.56 -10.24
N ARG B 120 -7.85 -26.50 -10.91
CA ARG B 120 -6.82 -26.71 -11.94
C ARG B 120 -5.71 -27.59 -11.36
N ASP B 121 -5.24 -28.58 -12.12
CA ASP B 121 -4.08 -29.42 -11.74
C ASP B 121 -2.81 -28.62 -12.05
N GLU B 122 -2.49 -27.67 -11.19
CA GLU B 122 -1.22 -26.90 -11.23
C GLU B 122 -0.50 -27.16 -9.91
N VAL B 123 0.81 -27.38 -9.95
CA VAL B 123 1.60 -27.72 -8.75
C VAL B 123 2.67 -26.64 -8.63
N ALA B 124 2.56 -25.85 -7.56
CA ALA B 124 3.52 -24.80 -7.18
C ALA B 124 4.46 -25.38 -6.14
N GLY B 125 5.60 -24.73 -5.97
CA GLY B 125 6.69 -25.14 -5.09
C GLY B 125 7.87 -24.21 -5.25
N THR B 126 9.02 -24.65 -4.78
CA THR B 126 10.28 -23.88 -4.82
C THR B 126 11.39 -24.79 -5.32
N VAL B 127 12.38 -24.18 -5.92
CA VAL B 127 13.66 -24.82 -6.35
C VAL B 127 14.80 -24.06 -5.66
N SER B 128 16.00 -24.61 -5.70
CA SER B 128 17.24 -23.94 -5.25
C SER B 128 18.40 -24.50 -6.06
N LYS B 129 19.60 -23.92 -5.93
CA LYS B 129 20.84 -24.43 -6.55
C LYS B 129 20.95 -25.95 -6.37
N SER B 130 20.55 -26.49 -5.21
CA SER B 130 20.88 -27.86 -4.78
C SER B 130 19.64 -28.76 -4.65
N ASP B 131 18.42 -28.24 -4.76
CA ASP B 131 17.20 -29.09 -4.68
C ASP B 131 16.19 -28.71 -5.76
N ILE B 132 15.76 -29.68 -6.60
CA ILE B 132 14.64 -29.56 -7.57
C ILE B 132 13.71 -30.78 -7.46
N SER B 133 13.68 -31.43 -6.30
CA SER B 133 12.95 -32.70 -6.09
C SER B 133 11.44 -32.47 -6.28
N ALA B 134 10.87 -31.43 -5.71
CA ALA B 134 9.42 -31.14 -5.83
C ALA B 134 9.08 -30.81 -7.30
N LEU B 135 9.93 -30.05 -7.99
CA LEU B 135 9.73 -29.69 -9.42
C LEU B 135 9.71 -30.98 -10.28
N THR B 136 10.71 -31.84 -10.07
CA THR B 136 10.90 -33.12 -10.80
C THR B 136 9.67 -34.02 -10.64
N LYS B 137 9.14 -34.14 -9.42
CA LYS B 137 7.92 -34.96 -9.14
C LYS B 137 6.70 -34.36 -9.86
N ALA B 138 6.55 -33.04 -9.84
CA ALA B 138 5.43 -32.33 -10.51
C ALA B 138 5.48 -32.60 -12.02
N ILE B 139 6.68 -32.61 -12.61
CA ILE B 139 6.88 -32.88 -14.07
C ILE B 139 6.45 -34.33 -14.37
N LEU B 140 6.90 -35.29 -13.56
CA LEU B 140 6.74 -36.75 -13.82
C LEU B 140 5.32 -37.22 -13.46
N ASP B 141 4.64 -36.59 -12.49
CA ASP B 141 3.29 -37.01 -12.03
C ASP B 141 2.31 -36.94 -13.20
N THR B 142 1.54 -37.99 -13.44
CA THR B 142 0.40 -37.94 -14.41
C THR B 142 -0.92 -38.15 -13.66
N GLY B 143 -0.89 -38.18 -12.33
CA GLY B 143 -2.07 -38.39 -11.46
C GLY B 143 -2.71 -39.74 -11.71
N SER B 144 -4.03 -39.73 -11.99
CA SER B 144 -4.81 -40.96 -12.24
C SER B 144 -4.35 -41.57 -13.57
N ASP B 145 -3.96 -40.74 -14.55
CA ASP B 145 -3.73 -41.13 -15.97
C ASP B 145 -2.29 -41.59 -16.18
N THR B 146 -1.98 -42.06 -17.39
CA THR B 146 -0.66 -42.62 -17.78
C THR B 146 0.15 -41.55 -18.53
N ALA B 147 -0.52 -40.51 -19.02
CA ALA B 147 0.05 -39.48 -19.92
C ALA B 147 -0.35 -38.08 -19.43
N GLY B 148 0.48 -37.08 -19.71
CA GLY B 148 0.20 -35.67 -19.44
C GLY B 148 1.26 -34.74 -20.03
N ALA B 149 0.81 -33.56 -20.50
CA ALA B 149 1.69 -32.48 -20.98
C ALA B 149 1.82 -31.41 -19.89
N LYS B 150 2.97 -30.77 -19.75
CA LYS B 150 3.23 -29.76 -18.68
C LYS B 150 3.84 -28.49 -19.28
N LYS B 151 3.30 -27.33 -18.86
CA LYS B 151 3.97 -26.03 -19.01
C LYS B 151 4.56 -25.66 -17.65
N ILE B 152 5.88 -25.53 -17.60
CA ILE B 152 6.68 -25.40 -16.36
C ILE B 152 7.28 -23.98 -16.31
N SER B 153 6.82 -23.15 -15.36
CA SER B 153 7.43 -21.83 -15.04
C SER B 153 8.48 -22.02 -13.95
N ILE B 154 9.71 -21.56 -14.18
CA ILE B 154 10.74 -21.41 -13.12
C ILE B 154 11.21 -19.96 -13.08
N ASN B 155 11.44 -19.46 -11.88
CA ASN B 155 11.98 -18.12 -11.59
C ASN B 155 13.49 -18.25 -11.54
N LEU B 156 14.19 -17.28 -12.12
CA LEU B 156 15.66 -17.26 -12.19
C LEU B 156 16.19 -16.30 -11.11
N GLU B 157 17.36 -16.60 -10.57
CA GLU B 157 18.06 -15.78 -9.58
C GLU B 157 18.47 -14.49 -10.28
N GLY B 158 18.12 -13.36 -9.71
CA GLY B 158 18.68 -12.06 -10.12
C GLY B 158 20.04 -11.92 -9.50
N GLY B 159 20.90 -11.11 -10.06
CA GLY B 159 22.18 -10.84 -9.40
C GLY B 159 22.04 -9.72 -8.36
N SER B 160 23.18 -9.18 -7.99
CA SER B 160 23.34 -8.09 -7.00
C SER B 160 24.08 -6.93 -7.66
N HIS B 161 23.82 -5.72 -7.19
CA HIS B 161 24.57 -4.50 -7.58
C HIS B 161 24.96 -3.74 -6.31
N THR B 162 26.08 -3.03 -6.38
CA THR B 162 26.64 -2.19 -5.31
C THR B 162 26.77 -0.77 -5.85
N VAL B 163 26.23 0.17 -5.08
CA VAL B 163 26.42 1.63 -5.30
C VAL B 163 26.94 2.20 -3.98
N SER B 164 27.22 3.50 -3.93
CA SER B 164 27.95 4.15 -2.82
C SER B 164 27.44 5.57 -2.65
N ALA B 165 27.61 6.12 -1.45
CA ALA B 165 27.15 7.49 -1.15
C ALA B 165 28.07 8.07 -0.09
N LEU B 166 28.25 9.38 -0.16
CA LEU B 166 28.83 10.21 0.92
C LEU B 166 27.83 11.31 1.24
N VAL B 167 27.40 11.38 2.49
CA VAL B 167 26.49 12.47 2.96
C VAL B 167 27.29 13.36 3.91
N GLN B 168 27.36 14.66 3.61
CA GLN B 168 28.02 15.70 4.46
C GLN B 168 27.03 16.84 4.64
N GLY B 169 26.35 16.92 5.78
CA GLY B 169 25.19 17.81 5.97
C GLY B 169 24.17 17.58 4.88
N GLU B 170 23.85 18.63 4.11
CA GLU B 170 22.82 18.60 3.03
C GLU B 170 23.43 18.08 1.72
N LYS B 171 24.76 17.97 1.64
CA LYS B 171 25.44 17.48 0.42
C LYS B 171 25.33 15.94 0.34
N VAL B 172 24.79 15.45 -0.77
CA VAL B 172 24.76 13.99 -1.10
C VAL B 172 25.62 13.74 -2.34
N VAL B 173 26.65 12.91 -2.21
CA VAL B 173 27.43 12.40 -3.36
C VAL B 173 27.00 10.94 -3.59
N PHE B 174 26.51 10.62 -4.77
CA PHE B 174 26.00 9.28 -5.14
C PHE B 174 26.90 8.72 -6.23
N PHE B 175 27.40 7.50 -6.07
CA PHE B 175 28.30 6.84 -7.04
C PHE B 175 27.72 5.48 -7.43
N ASP B 176 27.52 5.31 -8.73
CA ASP B 176 27.09 4.02 -9.34
C ASP B 176 28.14 3.62 -10.37
N PRO B 177 28.94 2.57 -10.10
CA PRO B 177 30.00 2.15 -11.02
C PRO B 177 29.50 1.83 -12.43
N ASN B 178 28.17 1.72 -12.59
CA ASN B 178 27.48 1.45 -13.88
C ASN B 178 27.25 2.75 -14.64
N PHE B 179 27.38 3.91 -14.00
CA PHE B 179 27.12 5.23 -14.64
C PHE B 179 28.21 6.24 -14.28
N GLY B 180 28.46 6.51 -12.99
CA GLY B 180 29.50 7.45 -12.53
C GLY B 180 29.14 8.11 -11.21
N GLU B 181 29.58 9.36 -11.00
CA GLU B 181 29.42 10.11 -9.73
C GLU B 181 28.57 11.34 -9.98
N THR B 183 26.51 14.70 -7.68
CA THR B 183 26.46 15.45 -6.44
C THR B 183 25.15 16.25 -6.41
N PHE B 184 24.45 16.22 -5.27
CA PHE B 184 23.22 17.02 -5.02
C PHE B 184 23.47 17.92 -3.82
N PRO B 185 23.09 19.20 -3.89
CA PRO B 185 23.33 20.13 -2.77
C PRO B 185 22.31 20.06 -1.62
N SER B 186 21.25 19.25 -1.75
CA SER B 186 20.24 18.99 -0.70
C SER B 186 19.79 17.51 -0.73
N HIS B 187 19.35 16.98 0.41
CA HIS B 187 18.72 15.65 0.56
C HIS B 187 17.49 15.56 -0.35
N GLN B 188 16.64 16.59 -0.31
CA GLN B 188 15.38 16.61 -1.07
C GLN B 188 15.67 16.38 -2.56
N LYS B 189 16.65 17.09 -3.11
CA LYS B 189 16.99 17.04 -4.56
C LYS B 189 17.45 15.62 -4.92
N PHE B 190 18.28 14.99 -4.08
CA PHE B 190 18.73 13.60 -4.24
C PHE B 190 17.53 12.63 -4.18
N GLU B 191 16.65 12.78 -3.18
CA GLU B 191 15.53 11.85 -2.94
C GLU B 191 14.57 11.89 -4.14
N SER B 192 14.18 13.09 -4.59
CA SER B 192 13.26 13.25 -5.75
C SER B 192 13.87 12.61 -7.00
N TRP B 193 15.13 12.94 -7.30
CA TRP B 193 15.87 12.43 -8.48
C TRP B 193 15.93 10.90 -8.45
N LEU B 194 16.30 10.32 -7.29
CA LEU B 194 16.44 8.85 -7.13
C LEU B 194 15.08 8.19 -7.39
N LYS B 195 14.01 8.71 -6.79
CA LYS B 195 12.66 8.08 -6.83
C LYS B 195 11.98 8.35 -8.17
N GLU B 196 12.10 9.55 -8.73
CA GLU B 196 11.25 10.00 -9.87
C GLU B 196 11.99 9.83 -11.21
N ALA B 197 13.32 9.71 -11.22
CA ALA B 197 14.14 9.61 -12.45
C ALA B 197 14.97 8.32 -12.46
N PHE B 198 15.90 8.19 -11.52
CA PHE B 198 16.94 7.14 -11.56
C PHE B 198 16.33 5.73 -11.45
N TRP B 199 15.40 5.50 -10.52
CA TRP B 199 14.98 4.13 -10.14
C TRP B 199 14.48 3.34 -11.38
N GLU B 200 13.60 3.95 -12.18
CA GLU B 200 13.06 3.33 -13.42
C GLU B 200 14.15 3.30 -14.50
N LYS B 201 14.76 4.45 -14.80
CA LYS B 201 15.70 4.62 -15.93
C LYS B 201 16.96 3.76 -15.76
N SER B 202 17.27 3.31 -14.55
CA SER B 202 18.51 2.57 -14.21
C SER B 202 18.41 1.11 -14.63
N GLY B 203 17.19 0.57 -14.67
CA GLY B 203 16.92 -0.88 -14.84
C GLY B 203 16.85 -1.65 -13.53
N TYR B 204 17.07 -1.01 -12.38
CA TYR B 204 17.13 -1.70 -11.06
C TYR B 204 15.71 -1.94 -10.52
N ALA B 205 14.70 -1.24 -11.05
CA ALA B 205 13.33 -1.22 -10.50
C ALA B 205 12.69 -2.61 -10.66
N GLY B 206 12.88 -3.26 -11.81
CA GLY B 206 12.27 -4.57 -12.15
C GLY B 206 11.01 -4.35 -12.93
N LYS B 207 10.44 -5.38 -13.55
CA LYS B 207 9.25 -5.28 -14.44
C LYS B 207 8.00 -5.68 -13.65
N LYS B 208 8.13 -6.70 -12.79
CA LYS B 208 7.06 -7.12 -11.86
C LYS B 208 7.27 -6.37 -10.55
N GLU B 209 6.23 -6.31 -9.71
CA GLU B 209 6.35 -5.91 -8.29
C GLU B 209 6.85 -7.15 -7.53
N GLY B 210 7.42 -6.95 -6.36
CA GLY B 210 8.24 -7.97 -5.70
C GLY B 210 9.29 -7.28 -4.86
N LYS B 211 9.38 -7.63 -3.58
CA LYS B 211 10.40 -7.09 -2.66
C LYS B 211 11.71 -7.83 -2.87
N ARG B 212 12.83 -7.09 -2.98
CA ARG B 212 14.19 -7.64 -3.07
C ARG B 212 14.98 -6.99 -1.93
N PHE B 213 15.98 -7.69 -1.40
CA PHE B 213 16.78 -7.29 -0.22
C PHE B 213 17.74 -6.16 -0.63
N PHE B 214 17.94 -5.24 0.31
CA PHE B 214 19.04 -4.25 0.23
C PHE B 214 19.79 -4.30 1.56
N ASN B 215 21.03 -3.86 1.53
CA ASN B 215 21.83 -3.70 2.77
C ASN B 215 22.69 -2.46 2.65
N VAL B 216 22.62 -1.58 3.63
CA VAL B 216 23.43 -0.34 3.67
C VAL B 216 24.45 -0.49 4.81
N VAL B 217 25.74 -0.45 4.51
CA VAL B 217 26.80 -0.41 5.55
C VAL B 217 27.31 1.03 5.67
N ASN B 218 27.28 1.59 6.88
CA ASN B 218 27.67 3.00 7.18
C ASN B 218 29.12 3.05 7.67
N TYR B 219 29.93 3.94 7.10
CA TYR B 219 31.34 4.21 7.52
C TYR B 219 31.49 5.66 7.98
N HIS B 220 32.37 5.94 8.94
CA HIS B 220 32.75 7.34 9.27
C HIS B 220 33.44 7.94 8.04
N ALA B 221 33.14 9.19 7.71
CA ALA B 221 33.73 9.95 6.57
C ALA B 221 35.18 10.38 6.89
N SER C 1 -23.49 -9.38 14.97
CA SER C 1 -23.11 -10.16 16.17
C SER C 1 -24.08 -9.81 17.31
N ALA C 3 -28.50 -9.98 18.65
CA ALA C 3 -29.64 -10.92 18.73
C ALA C 3 -30.55 -10.69 17.52
N SER C 4 -30.38 -9.56 16.84
CA SER C 4 -31.20 -9.15 15.67
C SER C 4 -30.94 -10.02 14.43
N VAL C 5 -29.76 -10.63 14.36
CA VAL C 5 -29.40 -11.48 13.19
C VAL C 5 -30.37 -12.67 13.09
N ALA C 6 -30.59 -13.37 14.20
CA ALA C 6 -31.43 -14.59 14.27
C ALA C 6 -32.90 -14.19 14.11
N GLU C 7 -33.26 -13.00 14.56
CA GLU C 7 -34.63 -12.41 14.41
C GLU C 7 -34.95 -12.28 12.91
N TYR C 8 -33.96 -11.99 12.08
CA TYR C 8 -34.13 -11.76 10.63
C TYR C 8 -33.77 -13.04 9.85
N GLY C 9 -33.73 -14.18 10.52
CA GLY C 9 -33.57 -15.51 9.89
C GLY C 9 -32.13 -15.81 9.55
N GLY C 10 -31.18 -15.06 10.11
CA GLY C 10 -29.74 -15.30 9.91
C GLY C 10 -29.12 -16.09 11.04
N GLU C 11 -27.83 -16.36 10.94
CA GLU C 11 -26.99 -17.00 11.98
C GLU C 11 -25.70 -16.17 12.21
N VAL C 12 -25.34 -15.98 13.48
CA VAL C 12 -23.98 -15.48 13.86
C VAL C 12 -23.03 -16.68 13.78
N SER C 13 -22.00 -16.60 12.93
CA SER C 13 -20.96 -17.65 12.73
C SER C 13 -19.78 -17.36 13.65
N PHE C 14 -19.55 -16.09 14.00
CA PHE C 14 -18.41 -15.64 14.83
C PHE C 14 -18.77 -14.33 15.50
N LYS C 15 -18.44 -14.20 16.76
CA LYS C 15 -18.70 -12.99 17.58
C LYS C 15 -17.39 -12.61 18.28
N TYR C 16 -16.89 -11.39 18.06
CA TYR C 16 -15.66 -10.92 18.72
C TYR C 16 -15.95 -10.75 20.21
N ALA C 17 -15.09 -11.34 21.05
CA ALA C 17 -15.18 -11.25 22.52
C ALA C 17 -15.14 -9.77 22.92
N GLN C 18 -14.24 -9.01 22.31
CA GLN C 18 -14.12 -7.54 22.54
C GLN C 18 -14.56 -6.86 21.24
N SER C 19 -15.75 -6.27 21.26
CA SER C 19 -16.38 -5.63 20.08
C SER C 19 -15.76 -4.25 19.93
N LYS C 20 -14.94 -4.03 18.91
CA LYS C 20 -14.48 -2.66 18.57
C LYS C 20 -15.67 -1.78 18.15
N GLY C 21 -16.76 -2.39 17.68
CA GLY C 21 -18.04 -1.70 17.40
C GLY C 21 -18.66 -1.10 18.65
N GLU C 22 -18.64 -1.79 19.78
CA GLU C 22 -19.22 -1.26 21.06
C GLU C 22 -18.40 -0.06 21.54
N VAL C 23 -17.08 -0.15 21.46
CA VAL C 23 -16.17 0.99 21.72
C VAL C 23 -16.54 2.15 20.77
N TYR C 24 -16.77 1.88 19.48
CA TYR C 24 -17.11 2.96 18.51
C TYR C 24 -18.44 3.64 18.92
N LYS C 25 -19.42 2.88 19.39
CA LYS C 25 -20.72 3.47 19.81
C LYS C 25 -20.55 4.38 21.05
N GLU C 26 -19.64 4.03 21.96
CA GLU C 26 -19.29 4.87 23.14
C GLU C 26 -18.63 6.17 22.65
N ILE C 27 -17.76 6.09 21.64
CA ILE C 27 -17.08 7.27 21.03
C ILE C 27 -18.15 8.19 20.43
N VAL C 28 -19.09 7.64 19.67
CA VAL C 28 -20.18 8.42 19.03
C VAL C 28 -20.97 9.15 20.13
N LYS C 29 -21.31 8.47 21.21
CA LYS C 29 -22.06 9.05 22.35
C LYS C 29 -21.26 10.22 22.93
N HIS C 30 -19.95 10.02 23.11
CA HIS C 30 -19.05 11.02 23.69
C HIS C 30 -19.06 12.29 22.80
N VAL C 31 -18.75 12.11 21.53
CA VAL C 31 -18.62 13.24 20.55
C VAL C 31 -19.97 13.98 20.41
N ASP C 32 -21.10 13.25 20.42
CA ASP C 32 -22.44 13.86 20.40
C ASP C 32 -22.64 14.71 21.68
N THR C 33 -22.38 14.13 22.87
CA THR C 33 -22.59 14.83 24.16
C THR C 33 -21.70 16.07 24.20
N GLN C 34 -20.46 15.95 23.73
CA GLN C 34 -19.41 16.98 23.78
C GLN C 34 -19.79 18.14 22.83
N HIS C 35 -20.56 17.88 21.80
CA HIS C 35 -21.17 18.95 20.97
C HIS C 35 -22.10 19.80 21.85
N GLY C 36 -22.97 19.14 22.60
CA GLY C 36 -23.85 19.79 23.60
C GLY C 36 -23.09 20.73 24.53
N VAL C 37 -21.98 20.23 25.08
CA VAL C 37 -21.16 20.97 26.09
C VAL C 37 -20.48 22.15 25.39
N SER C 38 -19.99 21.95 24.16
CA SER C 38 -19.24 22.96 23.39
C SER C 38 -20.18 24.11 23.02
N GLU C 39 -21.35 23.76 22.49
CA GLU C 39 -22.42 24.71 22.11
C GLU C 39 -22.84 25.51 23.34
N SER C 40 -23.20 24.83 24.43
CA SER C 40 -23.69 25.50 25.65
C SER C 40 -22.58 26.40 26.21
N THR C 41 -21.32 25.95 26.21
CA THR C 41 -20.20 26.72 26.78
C THR C 41 -19.95 27.98 25.95
N CYS C 42 -19.94 27.85 24.62
CA CYS C 42 -19.75 28.99 23.69
C CYS C 42 -20.90 29.99 23.88
N ALA C 43 -22.14 29.53 24.03
CA ALA C 43 -23.28 30.42 24.30
C ALA C 43 -22.98 31.21 25.57
N HIS C 44 -22.55 30.53 26.64
CA HIS C 44 -22.29 31.21 27.96
C HIS C 44 -21.14 32.20 27.80
N TRP C 45 -20.07 31.81 27.14
CA TRP C 45 -18.91 32.67 26.87
C TRP C 45 -19.37 33.94 26.10
N ILE C 46 -20.22 33.77 25.09
CA ILE C 46 -20.70 34.93 24.29
C ILE C 46 -21.50 35.87 25.21
N ALA C 47 -22.46 35.33 25.97
CA ALA C 47 -23.29 36.11 26.93
C ALA C 47 -22.39 36.83 27.94
N ASN C 48 -21.33 36.19 28.39
CA ASN C 48 -20.41 36.76 29.40
C ASN C 48 -19.66 37.94 28.77
N LYS C 49 -19.16 37.80 27.54
CA LYS C 49 -18.35 38.86 26.88
C LYS C 49 -19.20 40.06 26.49
N VAL C 50 -20.45 39.86 26.13
CA VAL C 50 -21.35 40.93 25.61
C VAL C 50 -21.94 41.66 26.82
N SER C 51 -22.27 40.94 27.89
CA SER C 51 -22.81 41.51 29.14
C SER C 51 -21.73 42.30 29.87
N SER C 52 -20.44 42.09 29.60
CA SER C 52 -19.29 42.48 30.47
C SER C 52 -19.30 43.98 30.82
N GLN C 53 -18.93 44.31 32.07
CA GLN C 53 -19.00 45.66 32.69
C GLN C 53 -17.61 46.30 32.72
N GLY C 54 -16.98 46.40 31.56
CA GLY C 54 -15.56 46.80 31.44
C GLY C 54 -14.66 45.59 31.64
N GLU C 55 -13.72 45.69 32.59
CA GLU C 55 -12.70 44.64 32.82
C GLU C 55 -13.38 43.27 32.93
N ASP C 56 -12.73 42.28 32.31
CA ASP C 56 -13.03 40.82 32.39
C ASP C 56 -13.29 40.39 33.84
N PHE C 57 -12.47 40.84 34.80
CA PHE C 57 -12.40 40.24 36.17
C PHE C 57 -13.77 40.33 36.86
N TRP C 58 -14.52 41.40 36.55
CA TRP C 58 -15.80 41.78 37.20
C TRP C 58 -16.86 40.67 37.09
N ASN C 59 -16.73 39.76 36.11
CA ASN C 59 -17.74 38.72 35.82
C ASN C 59 -17.09 37.63 34.96
N THR C 60 -15.99 37.04 35.43
CA THR C 60 -15.31 35.94 34.70
C THR C 60 -16.11 34.65 34.88
N TYR C 62 -14.24 31.96 34.84
CA TYR C 62 -13.08 31.20 35.23
C TYR C 62 -12.90 31.26 36.74
N GLU C 63 -12.65 30.10 37.36
CA GLU C 63 -12.42 29.95 38.84
C GLU C 63 -11.08 30.62 39.18
N GLY C 64 -11.09 31.65 40.03
CA GLY C 64 -9.91 32.41 40.46
C GLY C 64 -8.83 31.51 41.05
N GLY C 65 -9.23 30.56 41.90
CA GLY C 65 -8.32 29.85 42.82
C GLY C 65 -8.12 28.40 42.43
N LYS C 66 -8.66 28.00 41.29
CA LYS C 66 -8.57 26.64 40.73
C LYS C 66 -8.14 26.82 39.27
N LYS C 67 -6.84 26.69 38.97
CA LYS C 67 -6.27 27.00 37.63
C LYS C 67 -6.86 26.02 36.61
N GLY C 68 -7.46 26.56 35.54
CA GLY C 68 -7.87 25.81 34.35
C GLY C 68 -9.24 25.19 34.52
N HIS C 69 -10.10 25.79 35.35
CA HIS C 69 -11.48 25.30 35.61
C HIS C 69 -12.47 26.44 35.54
N LEU C 70 -13.70 26.13 35.16
CA LEU C 70 -14.82 27.08 35.15
C LEU C 70 -15.37 27.14 36.58
N LYS C 71 -15.99 28.25 36.98
CA LYS C 71 -16.73 28.35 38.26
C LYS C 71 -17.87 27.33 38.23
N GLN C 72 -18.21 26.81 39.41
CA GLN C 72 -19.25 25.77 39.61
C GLN C 72 -20.61 26.29 39.13
N GLU C 73 -20.92 27.56 39.36
CA GLU C 73 -22.18 28.21 38.89
C GLU C 73 -22.25 28.20 37.35
N ALA C 74 -21.14 28.43 36.66
CA ALA C 74 -21.07 28.45 35.19
C ALA C 74 -21.29 27.02 34.69
N ILE C 75 -20.68 26.03 35.37
CA ILE C 75 -20.75 24.58 35.02
C ILE C 75 -22.21 24.13 35.12
N ASP C 76 -22.89 24.50 36.19
CA ASP C 76 -24.30 24.10 36.47
C ASP C 76 -25.18 24.67 35.36
N SER C 77 -25.01 25.95 35.04
CA SER C 77 -25.80 26.66 33.99
C SER C 77 -25.51 26.08 32.60
N ILE C 78 -24.25 25.73 32.32
CA ILE C 78 -23.83 25.12 31.05
C ILE C 78 -24.50 23.74 30.91
N LYS C 79 -24.52 22.95 31.98
CA LYS C 79 -25.13 21.60 32.02
C LYS C 79 -26.64 21.71 31.77
N LYS C 80 -27.31 22.70 32.36
CA LYS C 80 -28.76 22.97 32.15
C LYS C 80 -29.04 23.18 30.66
N LEU C 81 -28.36 24.15 30.02
CA LEU C 81 -28.56 24.49 28.59
C LEU C 81 -28.22 23.26 27.74
N GLN C 82 -27.14 22.55 28.07
CA GLN C 82 -26.66 21.40 27.29
C GLN C 82 -27.78 20.31 27.26
N THR C 83 -28.39 20.04 28.40
CA THR C 83 -29.55 19.12 28.57
C THR C 83 -30.70 19.52 27.63
N GLU C 84 -31.13 20.77 27.68
CA GLU C 84 -32.18 21.32 26.81
C GLU C 84 -31.78 21.11 25.33
N PHE C 85 -30.54 21.44 24.99
CA PHE C 85 -29.98 21.30 23.63
C PHE C 85 -30.09 19.84 23.16
N GLN C 87 -32.09 17.49 24.28
CA GLN C 87 -33.46 17.01 24.24
C GLN C 87 -34.22 17.56 23.01
N SER C 88 -33.62 18.45 22.24
CA SER C 88 -34.27 19.16 21.13
C SER C 88 -34.50 18.23 19.94
N GLY C 89 -33.54 17.42 19.52
CA GLY C 89 -33.69 16.55 18.32
C GLY C 89 -34.17 17.29 17.05
N SER C 90 -33.25 17.57 16.13
CA SER C 90 -33.35 18.39 14.90
C SER C 90 -32.33 19.49 15.13
N ALA C 91 -31.23 19.49 14.39
CA ALA C 91 -30.15 20.49 14.46
C ALA C 91 -30.74 21.92 14.31
N THR C 92 -31.81 22.08 13.52
CA THR C 92 -32.50 23.37 13.34
C THR C 92 -33.09 23.83 14.67
N GLN C 93 -33.77 22.94 15.39
CA GLN C 93 -34.41 23.25 16.70
C GLN C 93 -33.34 23.44 17.77
N GLN C 94 -32.27 22.68 17.75
CA GLN C 94 -31.14 22.79 18.70
C GLN C 94 -30.57 24.21 18.62
N PHE C 95 -30.22 24.66 17.41
CA PHE C 95 -29.62 26.01 17.20
C PHE C 95 -30.66 27.09 17.54
N LYS C 96 -31.94 26.84 17.27
CA LYS C 96 -33.03 27.79 17.66
C LYS C 96 -33.09 27.92 19.19
N LEU C 97 -32.87 26.82 19.91
CA LEU C 97 -32.96 26.80 21.38
C LEU C 97 -31.81 27.65 21.95
N THR C 98 -30.59 27.48 21.44
CA THR C 98 -29.40 28.22 21.89
C THR C 98 -29.63 29.72 21.62
N ASP C 99 -30.18 30.05 20.46
CA ASP C 99 -30.49 31.43 20.03
C ASP C 99 -31.48 32.07 21.01
N ASN C 100 -32.51 31.34 21.43
CA ASN C 100 -33.53 31.84 22.39
C ASN C 100 -32.84 32.14 23.72
N TRP C 101 -31.99 31.24 24.18
CA TRP C 101 -31.21 31.39 25.44
C TRP C 101 -30.35 32.66 25.36
N LEU C 102 -29.66 32.86 24.24
CA LEU C 102 -28.75 34.02 24.04
C LEU C 102 -29.55 35.32 24.11
N GLN C 103 -30.77 35.35 23.56
CA GLN C 103 -31.61 36.57 23.57
C GLN C 103 -32.15 36.82 24.97
N GLU C 104 -32.56 35.76 25.67
CA GLU C 104 -32.92 35.80 27.11
C GLU C 104 -31.80 36.42 27.95
N GLN C 105 -30.54 36.23 27.60
CA GLN C 105 -29.39 36.78 28.37
C GLN C 105 -29.03 38.18 27.87
N GLY C 106 -29.76 38.71 26.89
CA GLY C 106 -29.55 40.09 26.44
C GLY C 106 -28.59 40.17 25.26
N VAL C 107 -28.20 39.05 24.66
CA VAL C 107 -27.34 39.01 23.44
C VAL C 107 -28.23 39.26 22.22
N VAL C 108 -27.81 40.14 21.33
CA VAL C 108 -28.65 40.60 20.17
C VAL C 108 -28.06 40.05 18.88
N PRO C 109 -28.75 39.11 18.20
CA PRO C 109 -28.31 38.60 16.92
C PRO C 109 -28.24 39.74 15.88
N LYS C 110 -27.20 39.75 15.05
CA LYS C 110 -27.10 40.72 13.92
C LYS C 110 -28.10 40.32 12.84
N GLU C 111 -28.63 41.31 12.11
CA GLU C 111 -29.57 41.15 10.98
C GLU C 111 -28.91 41.76 9.74
N LYS C 112 -29.20 41.21 8.56
CA LYS C 112 -29.08 41.93 7.27
C LYS C 112 -30.46 42.45 6.93
N LYS C 113 -30.59 43.76 6.73
CA LYS C 113 -31.85 44.47 6.42
C LYS C 113 -31.86 44.89 4.96
N VAL C 114 -32.97 44.68 4.25
CA VAL C 114 -33.22 45.29 2.89
C VAL C 114 -34.62 45.89 2.93
N GLY C 115 -34.74 47.19 2.71
CA GLY C 115 -35.97 47.95 2.98
C GLY C 115 -36.49 47.64 4.38
N ASP C 116 -37.76 47.23 4.50
CA ASP C 116 -38.41 46.96 5.82
C ASP C 116 -38.15 45.54 6.32
N LEU C 117 -37.41 44.69 5.61
CA LEU C 117 -37.29 43.23 5.93
C LEU C 117 -35.94 42.91 6.58
N SER C 118 -35.91 41.92 7.47
CA SER C 118 -34.68 41.40 8.12
C SER C 118 -34.47 39.92 7.76
N ARG C 119 -33.22 39.49 7.91
CA ARG C 119 -32.83 38.07 8.03
C ARG C 119 -31.57 38.01 8.89
N ARG C 120 -31.28 36.86 9.47
CA ARG C 120 -30.14 36.70 10.41
C ARG C 120 -28.85 36.88 9.63
N ASP C 121 -27.88 37.59 10.22
CA ASP C 121 -26.48 37.67 9.71
C ASP C 121 -25.78 36.38 10.11
N GLU C 122 -26.03 35.30 9.37
CA GLU C 122 -25.30 34.02 9.52
C GLU C 122 -24.58 33.75 8.20
N VAL C 123 -23.33 33.30 8.25
CA VAL C 123 -22.51 33.07 7.03
C VAL C 123 -22.11 31.61 7.02
N ALA C 124 -22.62 30.86 6.03
CA ALA C 124 -22.25 29.45 5.80
C ALA C 124 -21.20 29.42 4.70
N GLY C 125 -20.51 28.28 4.59
CA GLY C 125 -19.47 27.98 3.61
C GLY C 125 -18.91 26.59 3.90
N THR C 126 -17.69 26.33 3.44
CA THR C 126 -17.01 25.04 3.60
C THR C 126 -15.59 25.28 4.05
N VAL C 127 -15.05 24.27 4.70
CA VAL C 127 -13.61 24.17 5.08
C VAL C 127 -13.07 22.87 4.45
N SER C 128 -11.76 22.68 4.49
CA SER C 128 -11.09 21.41 4.15
C SER C 128 -9.78 21.35 4.92
N LYS C 129 -9.10 20.21 4.88
CA LYS C 129 -7.74 20.01 5.43
C LYS C 129 -6.85 21.21 5.08
N SER C 130 -6.96 21.76 3.87
CA SER C 130 -5.95 22.70 3.28
C SER C 130 -6.53 24.09 3.01
N ASP C 131 -7.84 24.31 3.16
CA ASP C 131 -8.42 25.67 2.99
C ASP C 131 -9.41 25.99 4.14
N ILE C 132 -9.18 27.10 4.86
CA ILE C 132 -10.15 27.68 5.84
C ILE C 132 -10.30 29.19 5.60
N SER C 133 -10.01 29.65 4.39
CA SER C 133 -9.99 31.09 4.06
C SER C 133 -11.41 31.66 4.20
N ALA C 134 -12.44 30.99 3.70
CA ALA C 134 -13.83 31.52 3.80
C ALA C 134 -14.28 31.54 5.27
N LEU C 135 -13.92 30.54 6.07
CA LEU C 135 -14.24 30.48 7.53
C LEU C 135 -13.59 31.66 8.24
N THR C 136 -12.30 31.88 7.98
CA THR C 136 -11.47 32.95 8.59
C THR C 136 -12.08 34.33 8.31
N LYS C 137 -12.52 34.58 7.07
CA LYS C 137 -13.18 35.85 6.66
C LYS C 137 -14.51 36.00 7.43
N ALA C 138 -15.31 34.94 7.54
CA ALA C 138 -16.62 34.98 8.25
C ALA C 138 -16.41 35.32 9.74
N ILE C 139 -15.35 34.79 10.35
CA ILE C 139 -15.00 35.05 11.79
C ILE C 139 -14.61 36.54 11.93
N LEU C 140 -13.76 37.06 11.04
CA LEU C 140 -13.17 38.43 11.16
C LEU C 140 -14.15 39.51 10.70
N ASP C 141 -15.08 39.22 9.80
CA ASP C 141 -16.03 40.21 9.23
C ASP C 141 -16.91 40.74 10.36
N THR C 142 -17.02 42.06 10.50
CA THR C 142 -17.91 42.71 11.48
C THR C 142 -18.98 43.53 10.75
N GLY C 143 -19.08 43.38 9.43
CA GLY C 143 -20.09 44.07 8.59
C GLY C 143 -19.99 45.57 8.68
N SER C 144 -21.09 46.24 9.05
CA SER C 144 -21.21 47.71 9.27
C SER C 144 -20.15 48.17 10.28
N ASP C 145 -20.09 47.43 11.39
CA ASP C 145 -19.45 47.84 12.67
C ASP C 145 -17.99 47.42 12.71
N THR C 146 -17.31 47.75 13.82
CA THR C 146 -15.90 47.37 14.07
C THR C 146 -15.84 46.20 15.05
N ALA C 147 -16.96 45.82 15.65
CA ALA C 147 -17.05 44.78 16.70
C ALA C 147 -18.16 43.76 16.36
N GLY C 148 -17.95 42.52 16.82
CA GLY C 148 -18.98 41.47 16.80
C GLY C 148 -18.51 40.18 17.46
N ALA C 149 -19.45 39.47 18.06
CA ALA C 149 -19.28 38.15 18.66
C ALA C 149 -19.82 37.10 17.67
N LYS C 150 -19.22 35.90 17.64
CA LYS C 150 -19.58 34.81 16.69
C LYS C 150 -19.70 33.49 17.45
N LYS C 151 -20.76 32.73 17.19
CA LYS C 151 -20.84 31.29 17.49
C LYS C 151 -20.59 30.53 16.17
N ILE C 152 -19.53 29.74 16.15
CA ILE C 152 -18.95 29.10 14.95
C ILE C 152 -19.18 27.57 15.04
N SER C 153 -20.02 27.03 14.16
CA SER C 153 -20.30 25.57 14.01
C SER C 153 -19.35 24.98 12.98
N ILE C 154 -18.56 23.98 13.34
CA ILE C 154 -17.68 23.28 12.39
C ILE C 154 -18.00 21.79 12.40
N ASN C 155 -18.07 21.21 11.22
CA ASN C 155 -18.29 19.76 11.03
C ASN C 155 -16.92 19.10 10.96
N LEU C 156 -16.79 17.94 11.60
CA LEU C 156 -15.53 17.20 11.73
C LEU C 156 -15.51 16.05 10.72
N GLU C 157 -14.30 15.62 10.38
CA GLU C 157 -14.06 14.46 9.51
C GLU C 157 -14.55 13.22 10.25
N GLY C 158 -15.40 12.41 9.63
CA GLY C 158 -15.74 11.08 10.11
C GLY C 158 -14.57 10.15 9.82
N GLY C 159 -14.46 9.05 10.57
CA GLY C 159 -13.50 8.01 10.20
C GLY C 159 -13.96 7.16 9.02
N SER C 160 -13.16 6.15 8.72
CA SER C 160 -13.44 5.14 7.67
C SER C 160 -13.53 3.75 8.32
N HIS C 161 -14.38 2.90 7.76
CA HIS C 161 -14.53 1.50 8.21
C HIS C 161 -14.54 0.60 6.98
N THR C 162 -14.06 -0.63 7.14
CA THR C 162 -14.08 -1.69 6.12
C THR C 162 -14.88 -2.87 6.67
N VAL C 163 -15.81 -3.35 5.87
CA VAL C 163 -16.52 -4.64 6.07
C VAL C 163 -16.34 -5.45 4.79
N SER C 164 -16.79 -6.70 4.78
CA SER C 164 -16.68 -7.57 3.60
C SER C 164 -17.88 -8.51 3.52
N ALA C 165 -18.06 -9.11 2.35
CA ALA C 165 -19.17 -10.02 2.06
C ALA C 165 -18.70 -11.09 1.08
N LEU C 166 -19.34 -12.26 1.15
CA LEU C 166 -19.28 -13.33 0.13
C LEU C 166 -20.73 -13.67 -0.23
N VAL C 167 -21.06 -13.56 -1.50
CA VAL C 167 -22.42 -13.94 -2.01
C VAL C 167 -22.23 -15.18 -2.89
N GLN C 168 -22.96 -16.25 -2.61
CA GLN C 168 -23.01 -17.48 -3.44
C GLN C 168 -24.48 -17.84 -3.63
N GLY C 169 -25.03 -17.56 -4.82
CA GLY C 169 -26.48 -17.65 -5.06
C GLY C 169 -27.22 -16.81 -4.05
N GLU C 170 -28.13 -17.45 -3.30
CA GLU C 170 -29.00 -16.76 -2.29
C GLU C 170 -28.25 -16.63 -0.95
N LYS C 171 -27.12 -17.31 -0.77
CA LYS C 171 -26.33 -17.26 0.48
C LYS C 171 -25.54 -15.95 0.54
N VAL C 172 -25.72 -15.18 1.60
CA VAL C 172 -24.93 -13.94 1.90
C VAL C 172 -24.16 -14.16 3.20
N VAL C 173 -22.83 -14.08 3.14
CA VAL C 173 -21.98 -14.04 4.34
C VAL C 173 -21.48 -12.61 4.49
N PHE C 174 -21.77 -11.95 5.63
CA PHE C 174 -21.38 -10.55 5.91
C PHE C 174 -20.39 -10.55 7.07
N PHE C 175 -19.26 -9.86 6.95
CA PHE C 175 -18.20 -9.85 7.98
C PHE C 175 -17.86 -8.40 8.33
N ASP C 176 -18.00 -8.07 9.61
CA ASP C 176 -17.64 -6.75 10.19
C ASP C 176 -16.63 -6.98 11.31
N PRO C 177 -15.35 -6.63 11.09
CA PRO C 177 -14.30 -6.86 12.08
C PRO C 177 -14.58 -6.20 13.44
N ASN C 178 -15.59 -5.32 13.50
CA ASN C 178 -16.06 -4.62 14.73
C ASN C 178 -17.07 -5.50 15.50
N PHE C 179 -17.62 -6.55 14.88
CA PHE C 179 -18.68 -7.39 15.49
C PHE C 179 -18.44 -8.88 15.24
N GLY C 180 -18.30 -9.30 13.98
CA GLY C 180 -18.00 -10.69 13.62
C GLY C 180 -18.60 -11.08 12.27
N GLU C 181 -18.97 -12.35 12.13
CA GLU C 181 -19.45 -12.95 10.87
C GLU C 181 -20.88 -13.41 11.04
N THR C 183 -24.35 -15.01 8.64
CA THR C 183 -24.73 -15.70 7.42
C THR C 183 -26.25 -15.61 7.27
N PHE C 184 -26.73 -15.28 6.06
CA PHE C 184 -28.16 -15.22 5.72
C PHE C 184 -28.43 -16.18 4.57
N PRO C 185 -29.51 -16.99 4.64
CA PRO C 185 -29.80 -17.96 3.59
C PRO C 185 -30.50 -17.38 2.34
N SER C 186 -30.89 -16.10 2.36
CA SER C 186 -31.51 -15.37 1.22
C SER C 186 -31.03 -13.91 1.18
N HIS C 187 -31.02 -13.29 0.00
CA HIS C 187 -30.73 -11.84 -0.19
C HIS C 187 -31.74 -11.01 0.59
N GLN C 188 -33.02 -11.36 0.51
CA GLN C 188 -34.12 -10.60 1.18
C GLN C 188 -33.80 -10.48 2.67
N LYS C 189 -33.44 -11.60 3.31
CA LYS C 189 -33.21 -11.65 4.77
C LYS C 189 -32.03 -10.74 5.13
N PHE C 190 -30.95 -10.78 4.34
CA PHE C 190 -29.77 -9.89 4.49
C PHE C 190 -30.17 -8.42 4.32
N GLU C 191 -30.91 -8.10 3.26
CA GLU C 191 -31.25 -6.69 2.90
C GLU C 191 -32.10 -6.09 4.01
N SER C 192 -33.14 -6.79 4.49
CA SER C 192 -34.04 -6.30 5.55
C SER C 192 -33.24 -6.08 6.84
N TRP C 193 -32.43 -7.05 7.25
CA TRP C 193 -31.58 -7.00 8.46
C TRP C 193 -30.63 -5.81 8.39
N LEU C 194 -29.95 -5.62 7.26
CA LEU C 194 -28.95 -4.55 7.07
C LEU C 194 -29.67 -3.19 7.20
N LYS C 195 -30.82 -3.03 6.53
CA LYS C 195 -31.54 -1.74 6.46
C LYS C 195 -32.31 -1.48 7.76
N GLU C 196 -32.95 -2.48 8.35
CA GLU C 196 -33.94 -2.27 9.44
C GLU C 196 -33.30 -2.45 10.81
N ALA C 197 -32.18 -3.18 10.93
CA ALA C 197 -31.59 -3.56 12.24
C ALA C 197 -30.14 -3.07 12.31
N PHE C 198 -29.25 -3.55 11.45
CA PHE C 198 -27.79 -3.33 11.56
C PHE C 198 -27.45 -1.84 11.41
N TRP C 199 -28.02 -1.17 10.40
CA TRP C 199 -27.54 0.17 9.99
C TRP C 199 -27.61 1.14 11.17
N GLU C 200 -28.74 1.20 11.88
CA GLU C 200 -28.93 2.03 13.08
C GLU C 200 -28.13 1.48 14.26
N LYS C 201 -28.30 0.21 14.60
CA LYS C 201 -27.74 -0.41 15.84
C LYS C 201 -26.21 -0.45 15.81
N SER C 202 -25.59 -0.33 14.63
CA SER C 202 -24.11 -0.43 14.46
C SER C 202 -23.43 0.87 14.88
N GLY C 203 -24.13 2.00 14.76
CA GLY C 203 -23.57 3.36 14.89
C GLY C 203 -23.11 3.95 13.56
N TYR C 204 -23.19 3.22 12.45
CA TYR C 204 -22.69 3.67 11.13
C TYR C 204 -23.69 4.64 10.47
N ALA C 205 -24.96 4.62 10.87
CA ALA C 205 -26.05 5.40 10.20
C ALA C 205 -25.81 6.90 10.41
N GLY C 206 -25.50 7.30 11.65
CA GLY C 206 -25.26 8.69 12.05
C GLY C 206 -26.55 9.32 12.56
N LYS C 207 -26.49 10.55 13.07
CA LYS C 207 -27.67 11.31 13.58
C LYS C 207 -28.14 12.30 12.51
N LYS C 208 -27.21 12.87 11.77
CA LYS C 208 -27.45 14.00 10.84
C LYS C 208 -27.80 13.44 9.46
N GLU C 209 -28.41 14.27 8.62
CA GLU C 209 -28.56 13.99 7.16
C GLU C 209 -27.24 14.35 6.51
N GLY C 210 -26.92 13.75 5.38
CA GLY C 210 -25.60 13.91 4.76
C GLY C 210 -25.21 12.66 4.03
N LYS C 211 -24.75 12.81 2.80
CA LYS C 211 -24.25 11.69 1.95
C LYS C 211 -22.80 11.42 2.34
N ARG C 212 -22.45 10.15 2.54
CA ARG C 212 -21.08 9.71 2.86
C ARG C 212 -20.70 8.69 1.79
N PHE C 213 -19.43 8.63 1.42
CA PHE C 213 -18.90 7.76 0.34
C PHE C 213 -18.83 6.32 0.83
N PHE C 214 -19.07 5.41 -0.08
CA PHE C 214 -18.75 3.97 0.06
C PHE C 214 -18.06 3.55 -1.23
N ASN C 215 -17.31 2.46 -1.16
CA ASN C 215 -16.69 1.84 -2.35
C ASN C 215 -16.73 0.34 -2.19
N VAL C 216 -17.26 -0.38 -3.19
CA VAL C 216 -17.32 -1.86 -3.18
C VAL C 216 -16.36 -2.36 -4.24
N VAL C 217 -15.36 -3.16 -3.85
CA VAL C 217 -14.42 -3.82 -4.78
C VAL C 217 -14.84 -5.28 -4.89
N ASN C 218 -15.06 -5.77 -6.13
CA ASN C 218 -15.57 -7.14 -6.39
C ASN C 218 -14.41 -8.05 -6.73
N TYR C 219 -14.34 -9.21 -6.09
CA TYR C 219 -13.37 -10.29 -6.41
C TYR C 219 -14.15 -11.56 -6.79
N HIS C 220 -13.62 -12.35 -7.72
CA HIS C 220 -14.17 -13.70 -8.03
C HIS C 220 -14.09 -14.53 -6.76
N ALA C 221 -15.15 -15.31 -6.47
CA ALA C 221 -15.15 -16.35 -5.44
C ALA C 221 -14.46 -17.60 -6.01
N ALA D 3 24.88 -31.16 -23.42
CA ALA D 3 25.87 -32.22 -23.30
C ALA D 3 25.33 -33.27 -22.30
N SER D 4 25.66 -34.55 -22.51
CA SER D 4 25.42 -35.65 -21.54
C SER D 4 23.94 -36.07 -21.46
N VAL D 5 23.07 -35.61 -22.35
CA VAL D 5 21.74 -36.27 -22.60
C VAL D 5 21.95 -37.75 -22.96
N ALA D 6 22.86 -38.02 -23.91
CA ALA D 6 23.12 -39.39 -24.44
C ALA D 6 23.85 -40.22 -23.36
N GLU D 7 24.66 -39.56 -22.54
CA GLU D 7 25.39 -40.19 -21.40
C GLU D 7 24.37 -40.75 -20.39
N TYR D 8 23.20 -40.12 -20.26
CA TYR D 8 22.14 -40.51 -19.29
C TYR D 8 21.07 -41.34 -20.00
N GLY D 9 21.37 -41.85 -21.19
CA GLY D 9 20.50 -42.80 -21.91
C GLY D 9 19.38 -42.10 -22.66
N GLY D 10 19.46 -40.78 -22.83
CA GLY D 10 18.48 -39.99 -23.59
C GLY D 10 18.92 -39.76 -25.02
N GLU D 11 18.07 -39.13 -25.81
CA GLU D 11 18.36 -38.69 -27.20
C GLU D 11 17.94 -37.23 -27.37
N VAL D 12 18.79 -36.44 -28.04
CA VAL D 12 18.42 -35.09 -28.54
C VAL D 12 17.60 -35.29 -29.83
N SER D 13 16.35 -34.81 -29.85
CA SER D 13 15.42 -34.87 -31.01
C SER D 13 15.56 -33.61 -31.85
N PHE D 14 15.95 -32.50 -31.23
CA PHE D 14 16.05 -31.17 -31.87
C PHE D 14 17.05 -30.34 -31.08
N LYS D 15 17.91 -29.61 -31.78
CA LYS D 15 18.92 -28.71 -31.17
C LYS D 15 18.84 -27.37 -31.88
N TYR D 16 18.59 -26.27 -31.14
CA TYR D 16 18.52 -24.92 -31.75
C TYR D 16 19.93 -24.55 -32.21
N ALA D 17 20.07 -24.11 -33.46
CA ALA D 17 21.36 -23.70 -34.04
C ALA D 17 21.89 -22.52 -33.21
N GLN D 18 21.03 -21.56 -32.85
CA GLN D 18 21.39 -20.46 -31.92
C GLN D 18 20.69 -20.70 -30.59
N SER D 19 21.46 -21.13 -29.59
CA SER D 19 20.99 -21.53 -28.26
C SER D 19 20.80 -20.23 -27.46
N LYS D 20 19.56 -19.85 -27.17
CA LYS D 20 19.29 -18.74 -26.23
C LYS D 20 19.78 -19.10 -24.82
N GLY D 21 19.93 -20.39 -24.53
CA GLY D 21 20.52 -20.93 -23.29
C GLY D 21 21.97 -20.53 -23.14
N GLU D 22 22.75 -20.62 -24.22
CA GLU D 22 24.19 -20.25 -24.20
C GLU D 22 24.30 -18.74 -23.95
N VAL D 23 23.45 -17.94 -24.60
CA VAL D 23 23.33 -16.47 -24.36
C VAL D 23 23.00 -16.25 -22.88
N TYR D 24 22.06 -17.00 -22.30
CA TYR D 24 21.63 -16.80 -20.90
C TYR D 24 22.80 -17.11 -19.96
N LYS D 25 23.59 -18.13 -20.25
CA LYS D 25 24.76 -18.51 -19.40
C LYS D 25 25.79 -17.39 -19.42
N GLU D 26 25.99 -16.72 -20.56
CA GLU D 26 26.94 -15.59 -20.71
C GLU D 26 26.39 -14.42 -19.89
N ILE D 27 25.07 -14.18 -19.91
CA ILE D 27 24.42 -13.10 -19.12
C ILE D 27 24.67 -13.36 -17.62
N VAL D 28 24.43 -14.59 -17.16
CA VAL D 28 24.64 -14.97 -15.73
C VAL D 28 26.09 -14.65 -15.36
N LYS D 29 27.04 -15.06 -16.19
CA LYS D 29 28.49 -14.87 -15.93
C LYS D 29 28.77 -13.37 -15.85
N HIS D 30 28.20 -12.60 -16.76
CA HIS D 30 28.43 -11.13 -16.85
C HIS D 30 27.94 -10.48 -15.58
N VAL D 31 26.68 -10.70 -15.22
CA VAL D 31 26.02 -10.09 -14.03
C VAL D 31 26.76 -10.50 -12.76
N ASP D 32 27.18 -11.75 -12.64
CA ASP D 32 28.00 -12.24 -11.49
C ASP D 32 29.32 -11.45 -11.44
N THR D 33 30.08 -11.42 -12.53
CA THR D 33 31.41 -10.77 -12.62
C THR D 33 31.26 -9.29 -12.31
N GLN D 34 30.20 -8.67 -12.83
CA GLN D 34 29.96 -7.21 -12.76
C GLN D 34 29.59 -6.84 -11.32
N HIS D 35 29.02 -7.77 -10.56
CA HIS D 35 28.79 -7.56 -9.11
C HIS D 35 30.15 -7.42 -8.44
N GLY D 36 31.09 -8.32 -8.75
CA GLY D 36 32.47 -8.26 -8.22
C GLY D 36 33.11 -6.90 -8.50
N VAL D 37 32.99 -6.42 -9.74
CA VAL D 37 33.61 -5.14 -10.20
C VAL D 37 32.94 -3.98 -9.47
N SER D 38 31.62 -4.02 -9.32
CA SER D 38 30.82 -2.93 -8.71
C SER D 38 31.17 -2.83 -7.23
N GLU D 39 31.19 -3.98 -6.54
CA GLU D 39 31.55 -4.10 -5.12
C GLU D 39 32.96 -3.57 -4.91
N SER D 40 33.94 -4.12 -5.64
CA SER D 40 35.36 -3.73 -5.53
C SER D 40 35.52 -2.22 -5.83
N THR D 41 34.84 -1.70 -6.84
CA THR D 41 34.96 -0.28 -7.26
C THR D 41 34.38 0.63 -6.18
N CYS D 42 33.20 0.31 -5.65
CA CYS D 42 32.55 1.07 -4.55
C CYS D 42 33.45 1.06 -3.31
N ALA D 43 34.07 -0.07 -2.99
CA ALA D 43 35.01 -0.17 -1.86
C ALA D 43 36.15 0.84 -2.10
N HIS D 44 36.71 0.86 -3.29
CA HIS D 44 37.85 1.76 -3.63
C HIS D 44 37.38 3.22 -3.56
N TRP D 45 36.22 3.54 -4.11
CA TRP D 45 35.59 4.89 -4.03
C TRP D 45 35.44 5.31 -2.56
N ILE D 46 34.97 4.40 -1.70
CA ILE D 46 34.75 4.75 -0.26
C ILE D 46 36.11 5.06 0.37
N ALA D 47 37.11 4.19 0.18
CA ALA D 47 38.48 4.37 0.74
C ALA D 47 39.07 5.68 0.21
N ASN D 48 38.81 6.05 -1.05
CA ASN D 48 39.33 7.29 -1.65
C ASN D 48 38.70 8.50 -0.94
N LYS D 49 37.38 8.49 -0.71
CA LYS D 49 36.65 9.65 -0.12
C LYS D 49 37.02 9.83 1.36
N VAL D 50 37.27 8.74 2.09
CA VAL D 50 37.64 8.76 3.53
C VAL D 50 39.12 8.40 3.66
N HIS D 69 37.69 8.74 -18.77
CA HIS D 69 36.95 7.96 -17.75
C HIS D 69 37.70 6.65 -17.48
N LEU D 70 38.85 6.73 -16.78
CA LEU D 70 39.72 5.55 -16.50
C LEU D 70 40.82 6.00 -15.51
N LYS D 71 41.22 5.15 -14.56
CA LYS D 71 42.34 5.45 -13.60
C LYS D 71 43.14 4.15 -13.48
N GLN D 72 44.43 4.14 -13.82
CA GLN D 72 45.18 2.84 -13.98
C GLN D 72 45.69 2.15 -12.73
N GLU D 73 46.11 2.85 -11.69
CA GLU D 73 46.62 2.04 -10.55
C GLU D 73 45.44 1.44 -9.79
N ALA D 74 44.31 2.14 -9.80
CA ALA D 74 43.07 1.66 -9.17
C ALA D 74 42.55 0.43 -9.92
N ILE D 75 42.61 0.43 -11.25
CA ILE D 75 42.06 -0.73 -12.04
C ILE D 75 42.74 -2.03 -11.57
N ASP D 76 44.05 -2.01 -11.39
CA ASP D 76 44.84 -3.21 -10.97
C ASP D 76 44.36 -3.63 -9.57
N SER D 77 44.24 -2.66 -8.67
CA SER D 77 43.81 -2.87 -7.26
C SER D 77 42.35 -3.35 -7.20
N ILE D 78 41.48 -2.79 -8.05
CA ILE D 78 40.04 -3.17 -8.15
C ILE D 78 39.96 -4.63 -8.64
N LYS D 79 40.77 -5.00 -9.62
CA LYS D 79 40.79 -6.37 -10.21
C LYS D 79 41.22 -7.37 -9.14
N LYS D 80 42.23 -7.03 -8.34
CA LYS D 80 42.74 -7.87 -7.23
C LYS D 80 41.61 -8.18 -6.24
N LEU D 81 40.96 -7.13 -5.72
CA LEU D 81 39.86 -7.25 -4.73
C LEU D 81 38.69 -8.03 -5.35
N GLN D 82 38.36 -7.73 -6.59
CA GLN D 82 37.23 -8.37 -7.30
C GLN D 82 37.44 -9.88 -7.36
N THR D 83 38.65 -10.31 -7.72
CA THR D 83 39.04 -11.74 -7.81
C THR D 83 38.86 -12.42 -6.45
N GLU D 84 39.41 -11.83 -5.39
CA GLU D 84 39.28 -12.35 -4.01
C GLU D 84 37.79 -12.44 -3.67
N PHE D 85 37.01 -11.38 -3.95
CA PHE D 85 35.56 -11.31 -3.68
C PHE D 85 34.85 -12.50 -4.33
N GLN D 87 36.08 -15.39 -5.28
CA GLN D 87 36.50 -16.68 -4.76
C GLN D 87 35.99 -16.97 -3.34
N SER D 88 35.31 -16.03 -2.69
CA SER D 88 35.08 -16.06 -1.21
C SER D 88 34.10 -17.15 -0.77
N GLY D 89 32.94 -17.30 -1.41
CA GLY D 89 31.97 -18.37 -1.08
C GLY D 89 30.59 -17.76 -1.04
N SER D 90 29.91 -17.91 0.09
CA SER D 90 28.62 -17.27 0.47
C SER D 90 28.72 -15.73 0.38
N ALA D 91 27.59 -15.09 0.10
CA ALA D 91 27.41 -13.63 0.12
C ALA D 91 27.88 -13.07 1.47
N THR D 92 27.68 -13.80 2.58
CA THR D 92 28.15 -13.40 3.93
C THR D 92 29.67 -13.22 3.92
N GLN D 93 30.40 -14.20 3.38
CA GLN D 93 31.88 -14.20 3.39
C GLN D 93 32.39 -13.16 2.38
N GLN D 94 31.72 -13.01 1.24
CA GLN D 94 32.08 -11.99 0.22
C GLN D 94 32.07 -10.60 0.86
N PHE D 95 30.93 -10.23 1.46
CA PHE D 95 30.74 -8.89 2.08
C PHE D 95 31.70 -8.73 3.27
N LYS D 96 32.00 -9.80 4.00
CA LYS D 96 33.01 -9.76 5.10
C LYS D 96 34.39 -9.43 4.52
N LEU D 97 34.71 -9.98 3.35
CA LEU D 97 36.04 -9.78 2.70
C LEU D 97 36.19 -8.31 2.28
N THR D 98 35.17 -7.71 1.69
CA THR D 98 35.22 -6.29 1.24
C THR D 98 35.34 -5.38 2.49
N ASP D 99 34.63 -5.73 3.57
CA ASP D 99 34.68 -4.98 4.85
C ASP D 99 36.10 -5.04 5.43
N ASN D 100 36.75 -6.21 5.37
CA ASN D 100 38.14 -6.39 5.87
C ASN D 100 39.08 -5.51 5.07
N TRP D 101 38.92 -5.48 3.74
CA TRP D 101 39.73 -4.63 2.84
C TRP D 101 39.56 -3.16 3.23
N LEU D 102 38.33 -2.72 3.46
CA LEU D 102 38.02 -1.31 3.81
C LEU D 102 38.72 -0.95 5.13
N GLN D 103 38.75 -1.85 6.12
CA GLN D 103 39.40 -1.56 7.43
C GLN D 103 40.92 -1.56 7.26
N GLU D 104 41.46 -2.48 6.47
CA GLU D 104 42.89 -2.51 6.05
C GLU D 104 43.29 -1.16 5.43
N GLN D 105 42.39 -0.45 4.74
CA GLN D 105 42.71 0.86 4.11
C GLN D 105 42.47 2.00 5.08
N GLY D 106 42.05 1.70 6.31
CA GLY D 106 41.84 2.72 7.36
C GLY D 106 40.45 3.30 7.34
N VAL D 107 39.49 2.69 6.62
CA VAL D 107 38.05 3.07 6.68
C VAL D 107 37.46 2.48 7.95
N VAL D 108 36.70 3.29 8.71
CA VAL D 108 36.18 2.91 10.06
C VAL D 108 34.67 2.71 9.96
N PRO D 109 34.18 1.45 10.08
CA PRO D 109 32.74 1.19 10.03
C PRO D 109 32.07 1.85 11.25
N LYS D 110 30.89 2.44 11.06
CA LYS D 110 30.08 3.02 12.17
C LYS D 110 29.56 1.89 13.08
N GLU D 111 29.42 2.21 14.36
CA GLU D 111 28.72 1.38 15.37
C GLU D 111 27.48 2.15 15.83
N LYS D 112 26.42 1.44 16.16
CA LYS D 112 25.24 2.01 16.86
C LYS D 112 25.07 1.26 18.18
N LYS D 113 24.43 1.90 19.16
CA LYS D 113 23.96 1.24 20.40
C LYS D 113 22.68 0.46 20.13
N VAL D 114 22.62 -0.81 20.54
CA VAL D 114 21.35 -1.56 20.76
C VAL D 114 21.37 -2.02 22.23
N GLY D 115 20.48 -1.43 23.03
CA GLY D 115 20.68 -1.25 24.48
C GLY D 115 22.09 -0.78 24.78
N ASP D 116 22.81 -1.52 25.64
CA ASP D 116 24.16 -1.17 26.13
C ASP D 116 25.26 -1.65 25.16
N LEU D 117 24.95 -2.33 24.06
CA LEU D 117 25.97 -3.02 23.23
C LEU D 117 26.27 -2.21 21.95
N SER D 118 27.54 -2.13 21.56
CA SER D 118 27.94 -1.64 20.21
C SER D 118 27.75 -2.73 19.17
N ARG D 119 27.00 -2.43 18.11
CA ARG D 119 26.81 -3.31 16.92
C ARG D 119 27.09 -2.50 15.66
N ARG D 120 27.35 -3.19 14.55
CA ARG D 120 27.65 -2.51 13.26
C ARG D 120 26.42 -1.70 12.84
N ASP D 121 26.64 -0.46 12.41
CA ASP D 121 25.55 0.41 11.88
C ASP D 121 25.35 0.00 10.41
N GLU D 122 24.65 -1.10 10.19
CA GLU D 122 24.13 -1.49 8.86
C GLU D 122 22.60 -1.51 8.96
N VAL D 123 21.92 -1.12 7.89
CA VAL D 123 20.44 -1.09 7.83
C VAL D 123 20.01 -2.01 6.69
N ALA D 124 19.30 -3.07 7.03
CA ALA D 124 18.71 -4.03 6.09
C ALA D 124 17.26 -3.64 5.82
N GLY D 125 16.74 -4.03 4.65
CA GLY D 125 15.35 -3.77 4.27
C GLY D 125 15.07 -4.30 2.89
N THR D 126 14.05 -3.73 2.24
CA THR D 126 13.48 -4.24 0.98
C THR D 126 13.35 -3.06 0.01
N VAL D 127 13.50 -3.30 -1.29
CA VAL D 127 13.08 -2.36 -2.37
C VAL D 127 12.06 -3.06 -3.25
N SER D 128 11.36 -2.32 -4.11
CA SER D 128 10.48 -2.89 -5.15
C SER D 128 10.45 -1.93 -6.34
N LYS D 129 9.85 -2.34 -7.45
CA LYS D 129 9.66 -1.48 -8.66
C LYS D 129 9.17 -0.10 -8.22
N SER D 130 8.28 -0.04 -7.23
CA SER D 130 7.46 1.18 -6.93
C SER D 130 7.78 1.78 -5.56
N ASP D 131 8.60 1.15 -4.72
CA ASP D 131 9.00 1.75 -3.42
C ASP D 131 10.51 1.58 -3.15
N ILE D 132 11.21 2.70 -2.88
CA ILE D 132 12.60 2.71 -2.36
C ILE D 132 12.71 3.68 -1.16
N SER D 133 11.61 3.92 -0.47
CA SER D 133 11.55 4.91 0.65
C SER D 133 12.46 4.45 1.80
N ALA D 134 12.45 3.18 2.18
CA ALA D 134 13.31 2.65 3.26
C ALA D 134 14.79 2.77 2.87
N LEU D 135 15.12 2.46 1.61
CA LEU D 135 16.51 2.53 1.07
C LEU D 135 16.99 3.97 1.15
N THR D 136 16.16 4.91 0.68
CA THR D 136 16.46 6.36 0.60
C THR D 136 16.76 6.91 2.01
N LYS D 137 15.97 6.53 3.02
CA LYS D 137 16.19 6.96 4.43
C LYS D 137 17.53 6.40 4.93
N ALA D 138 17.84 5.14 4.65
CA ALA D 138 19.09 4.49 5.10
C ALA D 138 20.30 5.18 4.46
N ILE D 139 20.20 5.61 3.20
CA ILE D 139 21.28 6.32 2.46
C ILE D 139 21.51 7.68 3.14
N LEU D 140 20.43 8.43 3.41
CA LEU D 140 20.52 9.84 3.87
C LEU D 140 20.82 9.92 5.36
N ASP D 141 20.45 8.91 6.17
CA ASP D 141 20.68 8.91 7.63
C ASP D 141 22.18 8.98 7.92
N THR D 142 22.60 9.90 8.78
CA THR D 142 23.98 9.97 9.30
C THR D 142 23.97 9.68 10.81
N GLY D 143 22.83 9.30 11.38
CA GLY D 143 22.68 8.98 12.81
C GLY D 143 22.98 10.19 13.69
N SER D 144 23.89 10.03 14.65
CA SER D 144 24.30 11.11 15.59
C SER D 144 25.07 12.17 14.79
N ASP D 145 25.83 11.79 13.76
CA ASP D 145 26.83 12.66 13.06
C ASP D 145 26.18 13.42 11.91
N THR D 146 26.98 14.28 11.27
CA THR D 146 26.59 15.16 10.14
C THR D 146 26.96 14.48 8.82
N ALA D 147 27.88 13.51 8.86
CA ALA D 147 28.56 12.92 7.68
C ALA D 147 28.55 11.40 7.79
N GLY D 148 28.53 10.71 6.64
CA GLY D 148 28.71 9.26 6.54
C GLY D 148 28.93 8.79 5.11
N ALA D 149 29.78 7.77 4.94
CA ALA D 149 29.97 7.00 3.69
C ALA D 149 29.11 5.72 3.76
N LYS D 150 28.54 5.30 2.62
CA LYS D 150 27.67 4.10 2.55
C LYS D 150 28.12 3.19 1.41
N LYS D 151 28.20 1.88 1.69
CA LYS D 151 28.19 0.81 0.67
C LYS D 151 26.78 0.22 0.65
N ILE D 152 26.11 0.32 -0.49
CA ILE D 152 24.68 -0.07 -0.65
C ILE D 152 24.59 -1.30 -1.56
N SER D 153 24.20 -2.44 -1.03
CA SER D 153 23.88 -3.68 -1.80
C SER D 153 22.39 -3.69 -2.15
N ILE D 154 22.06 -3.83 -3.44
CA ILE D 154 20.67 -4.11 -3.87
C ILE D 154 20.65 -5.39 -4.70
N ASN D 155 19.61 -6.18 -4.50
CA ASN D 155 19.33 -7.41 -5.26
C ASN D 155 18.45 -7.02 -6.44
N LEU D 156 18.73 -7.61 -7.59
CA LEU D 156 18.08 -7.29 -8.89
C LEU D 156 17.05 -8.37 -9.20
N GLU D 157 16.04 -8.02 -9.99
CA GLU D 157 14.95 -8.93 -10.37
C GLU D 157 15.54 -10.00 -11.29
N GLY D 158 15.33 -11.26 -10.95
CA GLY D 158 15.64 -12.39 -11.84
C GLY D 158 14.51 -12.48 -12.84
N GLY D 159 14.75 -13.07 -13.99
CA GLY D 159 13.65 -13.31 -14.93
C GLY D 159 12.85 -14.53 -14.56
N SER D 160 11.98 -14.92 -15.49
CA SER D 160 11.26 -16.20 -15.51
C SER D 160 11.65 -16.94 -16.79
N HIS D 161 11.63 -18.28 -16.71
CA HIS D 161 11.82 -19.16 -17.88
C HIS D 161 10.68 -20.18 -17.91
N THR D 162 10.32 -20.61 -19.13
CA THR D 162 9.29 -21.65 -19.36
C THR D 162 9.92 -22.80 -20.13
N VAL D 163 9.74 -23.99 -19.62
CA VAL D 163 10.06 -25.27 -20.30
C VAL D 163 8.78 -26.10 -20.29
N SER D 164 8.81 -27.23 -20.98
CA SER D 164 7.59 -28.06 -21.16
C SER D 164 7.99 -29.52 -21.26
N ALA D 165 7.01 -30.40 -21.03
CA ALA D 165 7.25 -31.85 -20.96
C ALA D 165 5.99 -32.56 -21.45
N LEU D 166 6.20 -33.72 -22.06
CA LEU D 166 5.15 -34.72 -22.31
C LEU D 166 5.60 -36.02 -21.64
N VAL D 167 4.78 -36.55 -20.74
CA VAL D 167 5.03 -37.89 -20.14
C VAL D 167 3.97 -38.85 -20.71
N GLN D 168 4.42 -39.97 -21.28
CA GLN D 168 3.54 -41.09 -21.72
C GLN D 168 4.13 -42.38 -21.16
N GLY D 169 3.53 -42.93 -20.12
CA GLY D 169 4.12 -44.05 -19.37
C GLY D 169 5.52 -43.68 -18.90
N GLU D 170 6.53 -44.46 -19.29
CA GLU D 170 7.95 -44.27 -18.87
C GLU D 170 8.64 -43.28 -19.83
N LYS D 171 8.01 -42.93 -20.96
CA LYS D 171 8.61 -41.98 -21.92
C LYS D 171 8.45 -40.55 -21.40
N VAL D 172 9.58 -39.83 -21.29
CA VAL D 172 9.60 -38.38 -20.96
C VAL D 172 10.17 -37.62 -22.15
N VAL D 173 9.38 -36.69 -22.69
CA VAL D 173 9.90 -35.71 -23.68
C VAL D 173 10.03 -34.37 -22.94
N PHE D 174 11.24 -33.80 -22.91
CA PHE D 174 11.52 -32.51 -22.24
C PHE D 174 11.92 -31.48 -23.30
N PHE D 175 11.27 -30.32 -23.29
CA PHE D 175 11.53 -29.26 -24.30
C PHE D 175 11.90 -27.96 -23.57
N ASP D 176 13.07 -27.45 -23.90
CA ASP D 176 13.58 -26.15 -23.41
C ASP D 176 13.84 -25.26 -24.63
N PRO D 177 13.02 -24.22 -24.87
CA PRO D 177 13.21 -23.34 -26.02
C PRO D 177 14.60 -22.70 -26.10
N ASN D 178 15.36 -22.77 -24.99
CA ASN D 178 16.75 -22.29 -24.90
C ASN D 178 17.75 -23.32 -25.44
N PHE D 179 17.35 -24.58 -25.63
CA PHE D 179 18.27 -25.67 -26.07
C PHE D 179 17.66 -26.53 -27.17
N GLY D 180 16.48 -27.09 -26.92
CA GLY D 180 15.76 -27.93 -27.88
C GLY D 180 14.96 -29.02 -27.19
N GLU D 181 14.83 -30.17 -27.85
CA GLU D 181 13.96 -31.27 -27.41
C GLU D 181 14.81 -32.51 -27.14
N THR D 183 14.45 -36.69 -25.48
CA THR D 183 13.57 -37.78 -25.12
C THR D 183 14.35 -38.76 -24.22
N PHE D 184 13.73 -39.20 -23.13
CA PHE D 184 14.28 -40.24 -22.21
C PHE D 184 13.31 -41.41 -22.18
N PRO D 185 13.81 -42.65 -22.28
CA PRO D 185 12.94 -43.83 -22.31
C PRO D 185 12.41 -44.30 -20.95
N SER D 186 12.87 -43.69 -19.84
CA SER D 186 12.43 -43.97 -18.45
C SER D 186 12.41 -42.67 -17.63
N HIS D 187 11.55 -42.60 -16.59
CA HIS D 187 11.49 -41.50 -15.61
C HIS D 187 12.86 -41.37 -14.93
N GLN D 188 13.43 -42.49 -14.49
CA GLN D 188 14.71 -42.53 -13.73
C GLN D 188 15.78 -41.78 -14.54
N LYS D 189 15.90 -42.11 -15.83
CA LYS D 189 16.95 -41.54 -16.70
C LYS D 189 16.77 -40.02 -16.82
N PHE D 190 15.54 -39.55 -17.00
CA PHE D 190 15.19 -38.11 -17.01
C PHE D 190 15.53 -37.45 -15.66
N GLU D 191 15.12 -38.07 -14.54
CA GLU D 191 15.29 -37.48 -13.18
C GLU D 191 16.78 -37.32 -12.87
N SER D 192 17.59 -38.35 -13.11
CA SER D 192 19.05 -38.31 -12.85
C SER D 192 19.70 -37.22 -13.69
N TRP D 193 19.40 -37.19 -15.00
CA TRP D 193 19.95 -36.21 -15.95
C TRP D 193 19.60 -34.79 -15.52
N LEU D 194 18.34 -34.55 -15.18
CA LEU D 194 17.83 -33.21 -14.78
C LEU D 194 18.58 -32.76 -13.53
N LYS D 195 18.69 -33.62 -12.52
CA LYS D 195 19.25 -33.28 -11.19
C LYS D 195 20.78 -33.21 -11.26
N GLU D 196 21.43 -34.14 -11.96
CA GLU D 196 22.90 -34.34 -11.85
C GLU D 196 23.66 -33.62 -12.96
N ALA D 197 23.01 -33.31 -14.10
CA ALA D 197 23.67 -32.71 -15.28
C ALA D 197 23.02 -31.35 -15.61
N PHE D 198 21.73 -31.36 -15.99
CA PHE D 198 21.07 -30.16 -16.58
C PHE D 198 21.02 -28.99 -15.57
N TRP D 199 20.61 -29.22 -14.32
CA TRP D 199 20.23 -28.13 -13.39
C TRP D 199 21.38 -27.12 -13.26
N GLU D 200 22.61 -27.58 -13.00
CA GLU D 200 23.79 -26.69 -12.86
C GLU D 200 24.21 -26.17 -14.23
N LYS D 201 24.42 -27.06 -15.21
CA LYS D 201 24.98 -26.72 -16.54
C LYS D 201 24.07 -25.76 -17.32
N SER D 202 22.79 -25.66 -16.97
CA SER D 202 21.77 -24.87 -17.71
C SER D 202 21.90 -23.38 -17.38
N GLY D 203 22.41 -23.06 -16.19
CA GLY D 203 22.44 -21.69 -15.64
C GLY D 203 21.21 -21.36 -14.77
N TYR D 204 20.25 -22.28 -14.65
CA TYR D 204 18.97 -22.04 -13.92
C TYR D 204 19.18 -22.19 -12.39
N ALA D 205 20.27 -22.86 -11.97
CA ALA D 205 20.47 -23.29 -10.56
C ALA D 205 20.70 -22.08 -9.67
N GLY D 206 21.50 -21.11 -10.12
CA GLY D 206 21.85 -19.90 -9.35
C GLY D 206 23.19 -20.11 -8.65
N LYS D 207 23.74 -19.05 -8.06
CA LYS D 207 25.01 -19.11 -7.28
C LYS D 207 24.66 -19.16 -5.79
N LYS D 208 23.61 -18.42 -5.37
CA LYS D 208 23.21 -18.33 -3.95
C LYS D 208 22.21 -19.45 -3.65
N GLU D 209 22.08 -19.82 -2.37
CA GLU D 209 20.97 -20.63 -1.85
C GLU D 209 19.79 -19.68 -1.65
N GLY D 210 18.57 -20.20 -1.66
CA GLY D 210 17.38 -19.34 -1.78
C GLY D 210 16.33 -20.01 -2.64
N LYS D 211 15.11 -20.03 -2.14
CA LYS D 211 13.90 -20.55 -2.80
C LYS D 211 13.39 -19.47 -3.76
N ARG D 212 12.99 -19.89 -4.97
CA ARG D 212 12.61 -18.95 -6.07
C ARG D 212 11.15 -19.05 -6.56
N PHE D 213 10.52 -20.22 -6.49
CA PHE D 213 9.17 -20.50 -7.01
C PHE D 213 9.25 -21.14 -8.40
N PHE D 214 8.46 -22.18 -8.58
CA PHE D 214 8.15 -22.83 -9.85
C PHE D 214 6.65 -23.06 -9.89
N ASN D 215 6.08 -23.22 -11.08
CA ASN D 215 4.68 -23.66 -11.24
C ASN D 215 4.61 -24.60 -12.44
N VAL D 216 3.98 -25.76 -12.25
CA VAL D 216 3.76 -26.75 -13.33
C VAL D 216 2.27 -26.74 -13.66
N VAL D 217 1.90 -26.47 -14.92
CA VAL D 217 0.49 -26.56 -15.37
C VAL D 217 0.35 -27.87 -16.15
N ASN D 218 -0.61 -28.71 -15.76
CA ASN D 218 -0.83 -30.06 -16.31
C ASN D 218 -2.00 -29.98 -17.30
N TYR D 219 -1.81 -30.48 -18.52
CA TYR D 219 -2.82 -30.56 -19.59
C TYR D 219 -3.02 -32.03 -19.98
N HIS D 220 -4.23 -32.36 -20.42
CA HIS D 220 -4.53 -33.67 -21.05
C HIS D 220 -3.66 -33.82 -22.30
N ALA D 221 -3.15 -35.03 -22.51
CA ALA D 221 -2.21 -35.38 -23.60
C ALA D 221 -2.89 -35.48 -24.97
N GLU D 222 -4.23 -35.54 -25.13
CA GLU D 222 -4.88 -35.93 -26.43
C GLU D 222 -5.75 -34.80 -27.02
#